data_6VX1
#
_entry.id   6VX1
#
_cell.length_a   65.610
_cell.length_b   112.120
_cell.length_c   194.430
_cell.angle_alpha   90.000
_cell.angle_beta   90.000
_cell.angle_gamma   90.000
#
_symmetry.space_group_name_H-M   'P 21 21 21'
#
loop_
_entity.id
_entity.type
_entity.pdbx_description
1 polymer 'Carbon monoxide dehydrogenase'
2 non-polymer 'IRON/SULFUR CLUSTER'
3 non-polymer 'Fe(4)-Ni(1)-S(4) cluster, oxidized'
4 water water
#
_entity_poly.entity_id   1
_entity_poly.type   'polypeptide(L)'
_entity_poly.pdbx_seq_one_letter_code
;MSSSKTIRSRSIWDDAHAMLEKAKAEGISTVWDRAAEQTPACKFGELGTCCRNCIMGPCRIANRKDGKMRLGVCGADADV
IVARNFGRFIAGGAAGHSDHGRDLIETLEAVAEGKAPGYTIRDVAKLRRIAAELGVADAATRPAHDVAADLVTICYNDFG
SRRNALAFLARAPQVRRDLWQRLGMTPRGVDREIAEMMHRTHMGCDNDHTSLLVHAARTALADGWGGSMIGTELSDILFG
TPRPRQSTVNLGVLRKDAVNILVHGHNPVVSEMILAATREPAVRQAAQDAGAADINVAGLCCTGNELLMRQGIPMAGNHL
MTELAIVTGAADAIVADYQCIMPSLVQIAACYHTRFVTTSPKGRFTGATHVEVHPHNAQERCREIVMLAIDAYTRRDPAR
VDIPSQPVSIMSGFSNEAILEALGGTPKPLIDAVVAGQIRGFVGIVGCNNPKIRQDSANVTLTRELIRRDIMVLATGCVT
TAAGKAGLLVPEAASKAGEGLAAVCRSLGVPPVLHMGSCVDNSRILQLCALLATTLGVDISDLPVGASSPEWYSEKAAAI
AMYAVASGIPTHLGLPPNILGSENVTAMALHGLQDVVGAAFMVEPDPVKAADMLEAHIVARRARLGLTS
;
_entity_poly.pdbx_strand_id   A,B
#
loop_
_chem_comp.id
_chem_comp.type
_chem_comp.name
_chem_comp.formula
CUV non-polymer 'Fe(4)-Ni(1)-S(4) cluster, oxidized' 'Fe4 Ni S4'
SF4 non-polymer 'IRON/SULFUR CLUSTER' 'Fe4 S4'
#
# COMPACT_ATOMS: atom_id res chain seq x y z
N LYS A 5 -14.25 40.68 -2.96
CA LYS A 5 -15.26 39.94 -2.22
C LYS A 5 -14.95 38.44 -2.21
N THR A 6 -14.09 38.01 -3.14
CA THR A 6 -13.69 36.60 -3.19
C THR A 6 -12.85 36.23 -1.98
N ILE A 7 -11.98 37.14 -1.52
CA ILE A 7 -11.15 36.87 -0.36
C ILE A 7 -12.00 36.66 0.88
N ARG A 8 -13.12 37.38 1.00
CA ARG A 8 -14.02 37.18 2.13
C ARG A 8 -14.68 35.81 2.11
N SER A 9 -14.84 35.23 0.91
CA SER A 9 -15.53 33.95 0.78
C SER A 9 -14.61 32.75 0.96
N ARG A 10 -13.29 32.97 1.09
CA ARG A 10 -12.35 31.87 1.22
C ARG A 10 -12.07 31.48 2.67
N SER A 11 -12.34 32.37 3.63
CA SER A 11 -12.15 32.07 5.04
C SER A 11 -13.09 32.94 5.85
N ILE A 12 -13.13 32.69 7.15
CA ILE A 12 -13.95 33.46 8.08
C ILE A 12 -13.10 34.23 9.09
N TRP A 13 -11.80 34.27 8.90
CA TRP A 13 -10.89 34.89 9.85
C TRP A 13 -10.26 36.14 9.25
N ASP A 14 -9.97 37.12 10.11
CA ASP A 14 -9.38 38.36 9.65
C ASP A 14 -7.90 38.21 9.32
N ASP A 15 -7.18 37.38 10.09
CA ASP A 15 -5.76 37.18 9.81
C ASP A 15 -5.55 36.49 8.47
N ALA A 16 -6.44 35.58 8.09
CA ALA A 16 -6.36 34.97 6.76
C ALA A 16 -6.73 35.97 5.66
N HIS A 17 -7.79 36.76 5.90
CA HIS A 17 -8.15 37.79 4.93
C HIS A 17 -7.03 38.79 4.71
N ALA A 18 -6.31 39.14 5.78
CA ALA A 18 -5.24 40.12 5.69
C ALA A 18 -4.11 39.62 4.79
N MET A 19 -3.75 38.34 4.90
CA MET A 19 -2.64 37.78 4.13
C MET A 19 -3.05 37.39 2.72
N LEU A 20 -4.34 37.10 2.49
CA LEU A 20 -4.79 36.86 1.13
C LEU A 20 -4.70 38.13 0.29
N GLU A 21 -5.03 39.28 0.88
CA GLU A 21 -4.84 40.56 0.19
C GLU A 21 -3.36 40.87 0.01
N LYS A 22 -2.53 40.49 0.98
CA LYS A 22 -1.09 40.73 0.88
C LYS A 22 -0.48 39.92 -0.26
N ALA A 23 -0.84 38.63 -0.36
CA ALA A 23 -0.31 37.82 -1.44
C ALA A 23 -0.86 38.26 -2.79
N LYS A 24 -2.09 38.80 -2.82
CA LYS A 24 -2.68 39.25 -4.07
C LYS A 24 -1.89 40.43 -4.66
N ALA A 25 -1.60 41.43 -3.83
CA ALA A 25 -0.82 42.58 -4.27
C ALA A 25 0.64 42.22 -4.56
N GLU A 26 1.18 41.18 -3.93
CA GLU A 26 2.54 40.74 -4.18
C GLU A 26 2.63 39.68 -5.26
N GLY A 27 1.50 39.27 -5.83
CA GLY A 27 1.50 38.30 -6.90
C GLY A 27 1.85 36.88 -6.47
N ILE A 28 1.48 36.50 -5.24
CA ILE A 28 1.75 35.17 -4.71
C ILE A 28 0.46 34.35 -4.80
N SER A 29 0.52 33.23 -5.51
CA SER A 29 -0.63 32.35 -5.62
C SER A 29 -0.74 31.46 -4.39
N THR A 30 -1.96 31.25 -3.92
CA THR A 30 -2.23 30.45 -2.75
C THR A 30 -2.98 29.18 -3.14
N VAL A 31 -3.21 28.31 -2.14
CA VAL A 31 -3.90 27.05 -2.38
C VAL A 31 -5.31 27.29 -2.93
N TRP A 32 -5.94 28.39 -2.53
CA TRP A 32 -7.26 28.71 -3.08
C TRP A 32 -7.18 29.03 -4.58
N ASP A 33 -6.10 29.69 -5.01
CA ASP A 33 -5.96 30.03 -6.42
C ASP A 33 -5.83 28.78 -7.28
N ARG A 34 -4.96 27.84 -6.86
CA ARG A 34 -4.78 26.61 -7.61
C ARG A 34 -6.00 25.71 -7.54
N ALA A 35 -6.84 25.87 -6.52
CA ALA A 35 -8.09 25.11 -6.46
C ALA A 35 -9.08 25.54 -7.53
N ALA A 36 -9.07 26.83 -7.90
CA ALA A 36 -9.98 27.31 -8.94
C ALA A 36 -9.57 26.78 -10.31
N GLU A 37 -8.26 26.63 -10.55
CA GLU A 37 -7.82 26.08 -11.83
C GLU A 37 -8.21 24.62 -11.99
N GLN A 38 -8.27 23.86 -10.89
CA GLN A 38 -8.46 22.42 -10.94
C GLN A 38 -9.91 22.00 -10.77
N THR A 39 -10.86 22.93 -10.71
CA THR A 39 -12.26 22.56 -10.56
C THR A 39 -12.79 21.70 -11.71
N PRO A 40 -12.47 21.96 -12.99
CA PRO A 40 -12.99 21.05 -14.03
C PRO A 40 -12.50 19.60 -13.90
N LYS A 43 -13.14 14.29 -13.17
CA LYS A 43 -14.52 13.94 -13.51
C LYS A 43 -14.81 12.49 -13.17
N PHE A 44 -14.24 11.57 -13.97
CA PHE A 44 -14.41 10.15 -13.68
C PHE A 44 -13.64 9.75 -12.43
N GLY A 45 -12.52 10.43 -12.14
CA GLY A 45 -11.76 10.12 -10.93
C GLY A 45 -12.44 10.57 -9.66
N GLU A 46 -13.30 11.60 -9.74
CA GLU A 46 -14.00 12.10 -8.56
C GLU A 46 -15.15 11.20 -8.15
N LEU A 47 -15.72 10.45 -9.09
CA LEU A 47 -16.74 9.45 -8.79
C LEU A 47 -16.13 8.11 -8.36
N GLY A 48 -14.82 7.96 -8.44
CA GLY A 48 -14.19 6.69 -8.15
C GLY A 48 -14.34 5.64 -9.23
N THR A 49 -14.85 6.00 -10.40
CA THR A 49 -15.08 5.07 -11.49
C THR A 49 -13.96 5.07 -12.52
N CYS A 50 -12.87 5.79 -12.28
CA CYS A 50 -11.67 5.65 -13.07
C CYS A 50 -10.75 4.65 -12.39
N CYS A 51 -10.14 3.77 -13.18
CA CYS A 51 -9.26 2.73 -12.65
C CYS A 51 -7.97 2.73 -13.46
N ARG A 52 -6.84 2.87 -12.77
CA ARG A 52 -5.52 2.94 -13.39
C ARG A 52 -4.61 1.85 -12.86
N ASN A 53 -5.18 0.75 -12.39
CA ASN A 53 -4.42 -0.30 -11.70
C ASN A 53 -3.66 -1.23 -12.64
N CYS A 54 -3.76 -1.06 -13.95
CA CYS A 54 -2.97 -1.83 -14.89
C CYS A 54 -3.00 -1.14 -16.25
N ILE A 55 -2.11 -1.56 -17.14
CA ILE A 55 -2.01 -0.94 -18.46
C ILE A 55 -2.66 -1.82 -19.55
N MET A 56 -3.49 -2.80 -19.17
CA MET A 56 -4.47 -3.30 -20.13
C MET A 56 -5.38 -2.17 -20.60
N GLY A 57 -5.50 -1.13 -19.79
CA GLY A 57 -5.99 0.15 -20.24
C GLY A 57 -6.46 0.94 -19.05
N PRO A 58 -6.19 2.23 -19.02
CA PRO A 58 -6.95 3.11 -18.12
C PRO A 58 -8.42 2.97 -18.43
N CYS A 59 -9.22 2.62 -17.42
CA CYS A 59 -10.63 2.32 -17.62
C CYS A 59 -11.50 3.34 -16.89
N ARG A 60 -12.60 3.72 -17.53
CA ARG A 60 -13.62 4.57 -16.94
C ARG A 60 -14.95 3.86 -17.05
N ILE A 61 -15.73 3.87 -15.97
CA ILE A 61 -17.08 3.33 -15.95
C ILE A 61 -18.06 4.50 -16.03
N ALA A 62 -18.82 4.54 -17.11
CA ALA A 62 -19.76 5.62 -17.35
C ALA A 62 -21.19 5.07 -17.38
N ASN A 63 -22.15 5.97 -17.18
CA ASN A 63 -23.55 5.68 -17.42
C ASN A 63 -23.88 6.24 -18.80
N ARG A 64 -23.75 5.39 -19.82
CA ARG A 64 -23.91 5.80 -21.20
C ARG A 64 -25.22 5.30 -21.77
N LYS A 65 -25.71 6.00 -22.81
CA LYS A 65 -26.96 5.62 -23.43
C LYS A 65 -26.80 4.36 -24.28
N ASP A 66 -25.68 4.24 -24.99
CA ASP A 66 -25.45 3.11 -25.88
C ASP A 66 -24.96 1.86 -25.14
N GLY A 67 -24.78 1.93 -23.82
CA GLY A 67 -24.39 0.78 -23.03
C GLY A 67 -22.92 0.44 -23.05
N LYS A 68 -22.09 1.20 -23.76
CA LYS A 68 -20.66 0.94 -23.78
C LYS A 68 -20.00 1.42 -22.48
N MET A 69 -18.76 0.99 -22.29
CA MET A 69 -17.93 1.38 -21.14
C MET A 69 -18.60 1.04 -19.80
N ARG A 70 -19.43 0.01 -19.77
CA ARG A 70 -20.08 -0.42 -18.54
C ARG A 70 -19.17 -1.29 -17.67
N LEU A 71 -18.16 -1.94 -18.27
CA LEU A 71 -17.20 -2.74 -17.55
C LEU A 71 -15.79 -2.35 -17.96
N GLY A 72 -14.83 -2.65 -17.09
CA GLY A 72 -13.43 -2.48 -17.44
C GLY A 72 -12.97 -3.56 -18.40
N VAL A 73 -11.74 -3.38 -18.90
CA VAL A 73 -11.18 -4.35 -19.85
C VAL A 73 -11.12 -5.73 -19.21
N CYS A 74 -10.73 -5.81 -17.93
CA CYS A 74 -10.68 -7.08 -17.24
C CYS A 74 -12.06 -7.61 -16.88
N GLY A 75 -13.10 -6.80 -17.00
CA GLY A 75 -14.44 -7.20 -16.65
C GLY A 75 -14.96 -6.69 -15.33
N ALA A 76 -14.24 -5.78 -14.67
CA ALA A 76 -14.67 -5.24 -13.38
C ALA A 76 -15.80 -4.23 -13.56
N ASP A 77 -16.77 -4.29 -12.66
CA ASP A 77 -17.91 -3.39 -12.70
C ASP A 77 -17.61 -2.14 -11.85
N ALA A 78 -18.60 -1.24 -11.77
CA ALA A 78 -18.42 0.00 -11.01
C ALA A 78 -18.30 -0.26 -9.51
N ASP A 79 -18.90 -1.34 -9.01
CA ASP A 79 -18.80 -1.63 -7.59
C ASP A 79 -17.37 -2.02 -7.21
N VAL A 80 -16.74 -2.88 -8.00
CA VAL A 80 -15.37 -3.29 -7.70
C VAL A 80 -14.41 -2.13 -7.86
N ILE A 81 -14.55 -1.35 -8.94
CA ILE A 81 -13.63 -0.26 -9.21
C ILE A 81 -13.71 0.81 -8.13
N VAL A 82 -14.93 1.19 -7.73
CA VAL A 82 -15.08 2.22 -6.71
C VAL A 82 -14.53 1.74 -5.37
N ALA A 83 -14.83 0.50 -5.01
CA ALA A 83 -14.40 -0.01 -3.70
C ALA A 83 -12.89 -0.22 -3.66
N ARG A 84 -12.25 -0.53 -4.79
CA ARG A 84 -10.81 -0.72 -4.79
C ARG A 84 -10.08 0.61 -4.60
N ASN A 85 -10.48 1.63 -5.36
CA ASN A 85 -9.88 2.95 -5.19
C ASN A 85 -10.07 3.45 -3.76
N PHE A 86 -11.23 3.17 -3.18
CA PHE A 86 -11.48 3.56 -1.79
C PHE A 86 -10.60 2.78 -0.84
N GLY A 87 -10.36 1.50 -1.13
CA GLY A 87 -9.45 0.72 -0.31
C GLY A 87 -8.04 1.29 -0.30
N ARG A 88 -7.53 1.63 -1.49
CA ARG A 88 -6.21 2.24 -1.56
C ARG A 88 -6.19 3.60 -0.89
N PHE A 89 -7.31 4.32 -0.92
CA PHE A 89 -7.39 5.62 -0.26
C PHE A 89 -7.23 5.46 1.25
N ILE A 90 -7.88 4.45 1.83
CA ILE A 90 -7.76 4.18 3.26
C ILE A 90 -6.37 3.63 3.58
N ALA A 91 -5.82 2.79 2.70
CA ALA A 91 -4.49 2.25 2.92
C ALA A 91 -3.45 3.37 3.00
N GLY A 92 -3.54 4.36 2.10
CA GLY A 92 -2.62 5.48 2.16
C GLY A 92 -2.79 6.30 3.43
N GLY A 93 -4.04 6.44 3.89
CA GLY A 93 -4.26 7.13 5.16
C GLY A 93 -3.70 6.35 6.34
N ALA A 94 -3.87 5.03 6.32
CA ALA A 94 -3.34 4.21 7.41
C ALA A 94 -1.82 4.16 7.36
N ALA A 95 -1.24 4.10 6.16
CA ALA A 95 0.23 4.08 6.05
C ALA A 95 0.83 5.36 6.61
N GLY A 96 0.14 6.49 6.43
CA GLY A 96 0.53 7.74 7.05
C GLY A 96 0.76 7.57 8.54
N HIS A 97 -0.28 7.19 9.28
CA HIS A 97 -0.13 7.00 10.72
C HIS A 97 0.75 5.81 11.05
N SER A 98 0.81 4.82 10.16
CA SER A 98 1.62 3.63 10.42
C SER A 98 3.10 3.99 10.55
N ASP A 99 3.66 4.68 9.56
CA ASP A 99 5.07 5.05 9.63
C ASP A 99 5.37 5.97 10.80
N HIS A 100 4.41 6.79 11.20
CA HIS A 100 4.60 7.67 12.33
C HIS A 100 4.78 6.87 13.61
N GLY A 101 3.91 5.89 13.84
CA GLY A 101 4.03 5.05 15.03
C GLY A 101 5.33 4.26 15.04
N ARG A 102 5.76 3.79 13.88
CA ARG A 102 7.00 3.03 13.79
C ARG A 102 8.20 3.89 14.17
N ASP A 103 8.25 5.15 13.70
CA ASP A 103 9.31 6.06 14.11
C ASP A 103 9.35 6.22 15.62
N LEU A 104 8.19 6.43 16.25
CA LEU A 104 8.14 6.50 17.70
C LEU A 104 8.65 5.23 18.36
N ILE A 105 8.41 4.06 17.74
CA ILE A 105 8.98 2.84 18.26
C ILE A 105 10.50 2.90 18.21
N GLU A 106 11.04 3.34 17.07
CA GLU A 106 12.49 3.44 16.92
C GLU A 106 13.08 4.43 17.90
N THR A 107 12.37 5.54 18.15
CA THR A 107 12.89 6.54 19.07
C THR A 107 12.95 6.02 20.49
N LEU A 108 11.95 5.24 20.90
CA LEU A 108 11.98 4.65 22.24
C LEU A 108 13.04 3.57 22.34
N GLU A 109 13.27 2.83 21.27
CA GLU A 109 14.34 1.83 21.27
C GLU A 109 15.71 2.47 21.36
N ALA A 110 15.90 3.65 20.76
CA ALA A 110 17.17 4.34 20.88
C ALA A 110 17.39 4.84 22.30
N VAL A 111 16.33 5.34 22.95
CA VAL A 111 16.44 5.75 24.34
C VAL A 111 16.79 4.55 25.21
N ALA A 112 16.14 3.41 24.97
CA ALA A 112 16.40 2.23 25.78
C ALA A 112 17.83 1.72 25.57
N GLU A 113 18.32 1.74 24.33
CA GLU A 113 19.71 1.39 24.05
C GLU A 113 20.69 2.47 24.48
N GLY A 114 20.22 3.62 24.93
CA GLY A 114 21.10 4.72 25.29
C GLY A 114 21.78 5.39 24.12
N LYS A 115 21.13 5.42 22.96
CA LYS A 115 21.73 5.93 21.73
C LYS A 115 20.93 7.11 21.17
N ALA A 116 20.41 7.95 22.05
CA ALA A 116 19.62 9.12 21.66
C ALA A 116 19.95 10.27 22.60
N PRO A 117 21.09 10.93 22.38
CA PRO A 117 21.47 12.04 23.27
C PRO A 117 20.44 13.15 23.24
N GLY A 118 20.07 13.62 24.43
CA GLY A 118 19.08 14.67 24.57
C GLY A 118 17.66 14.18 24.74
N TYR A 119 17.41 12.89 24.47
CA TYR A 119 16.11 12.29 24.70
C TYR A 119 16.13 11.51 26.00
N THR A 120 14.96 11.41 26.62
CA THR A 120 14.82 10.65 27.85
C THR A 120 13.45 10.01 27.86
N ILE A 121 13.16 9.25 28.92
CA ILE A 121 11.81 8.77 29.19
C ILE A 121 11.21 9.81 30.13
N ARG A 122 10.48 10.77 29.56
CA ARG A 122 9.95 11.86 30.36
C ARG A 122 8.83 11.39 31.29
N ASP A 123 8.04 10.39 30.86
CA ASP A 123 6.94 9.86 31.68
C ASP A 123 7.19 8.38 31.95
N VAL A 124 8.01 8.10 32.97
CA VAL A 124 8.30 6.73 33.35
C VAL A 124 7.06 6.03 33.90
N ALA A 125 6.16 6.78 34.54
CA ALA A 125 4.96 6.17 35.13
C ALA A 125 4.02 5.64 34.06
N LYS A 126 3.87 6.37 32.95
CA LYS A 126 3.04 5.86 31.86
C LYS A 126 3.70 4.67 31.18
N LEU A 127 5.04 4.67 31.08
CA LEU A 127 5.75 3.53 30.52
C LEU A 127 5.43 2.24 31.29
N ARG A 128 5.50 2.30 32.61
CA ARG A 128 5.23 1.13 33.42
C ARG A 128 3.77 0.71 33.32
N ARG A 129 2.86 1.68 33.22
CA ARG A 129 1.44 1.33 33.08
C ARG A 129 1.17 0.69 31.73
N ILE A 130 1.67 1.29 30.64
CA ILE A 130 1.45 0.76 29.30
C ILE A 130 2.06 -0.63 29.16
N ALA A 131 3.30 -0.79 29.63
CA ALA A 131 3.97 -2.09 29.54
C ALA A 131 3.24 -3.15 30.33
N ALA A 132 2.77 -2.81 31.54
CA ALA A 132 2.02 -3.77 32.33
C ALA A 132 0.70 -4.10 31.66
N GLU A 133 0.05 -3.12 31.04
CA GLU A 133 -1.21 -3.38 30.35
C GLU A 133 -1.02 -4.37 29.21
N LEU A 134 0.12 -4.31 28.53
CA LEU A 134 0.38 -5.15 27.37
C LEU A 134 1.12 -6.44 27.69
N GLY A 135 1.43 -6.69 28.95
CA GLY A 135 1.95 -7.99 29.36
C GLY A 135 3.43 -8.07 29.68
N VAL A 136 4.12 -6.94 29.81
CA VAL A 136 5.54 -6.97 30.16
C VAL A 136 5.69 -7.43 31.60
N ALA A 137 6.50 -8.47 31.80
CA ALA A 137 6.69 -9.02 33.14
C ALA A 137 7.36 -8.00 34.04
N ASP A 138 6.79 -7.82 35.24
CA ASP A 138 7.38 -6.99 36.29
C ASP A 138 7.65 -5.57 35.80
N ALA A 139 6.72 -5.03 35.00
CA ALA A 139 6.86 -3.68 34.49
C ALA A 139 6.87 -2.65 35.60
N ALA A 140 6.40 -2.99 36.79
CA ALA A 140 6.32 -2.03 37.88
C ALA A 140 7.66 -1.81 38.57
N THR A 141 8.52 -2.83 38.57
CA THR A 141 9.72 -2.82 39.40
C THR A 141 11.04 -2.93 38.64
N ARG A 142 11.05 -3.46 37.42
CA ARG A 142 12.29 -3.59 36.66
C ARG A 142 12.84 -2.22 36.26
N PRO A 143 14.12 -2.15 35.87
CA PRO A 143 14.66 -0.88 35.40
C PRO A 143 13.90 -0.36 34.18
N ALA A 144 13.75 0.97 34.11
CA ALA A 144 12.89 1.58 33.10
C ALA A 144 13.33 1.20 31.69
N HIS A 145 14.64 1.24 31.42
CA HIS A 145 15.12 0.94 30.07
C HIS A 145 14.85 -0.52 29.68
N ASP A 146 14.93 -1.45 30.64
CA ASP A 146 14.56 -2.83 30.34
C ASP A 146 13.08 -2.94 30.02
N VAL A 147 12.25 -2.22 30.79
CA VAL A 147 10.80 -2.24 30.55
C VAL A 147 10.48 -1.62 29.20
N ALA A 148 11.15 -0.53 28.86
CA ALA A 148 10.94 0.10 27.55
C ALA A 148 11.32 -0.86 26.43
N ALA A 149 12.43 -1.59 26.59
CA ALA A 149 12.86 -2.52 25.55
C ALA A 149 11.82 -3.62 25.33
N ASP A 150 11.22 -4.13 26.41
CA ASP A 150 10.20 -5.16 26.24
C ASP A 150 8.94 -4.59 25.57
N LEU A 151 8.57 -3.36 25.93
CA LEU A 151 7.44 -2.71 25.25
C LEU A 151 7.75 -2.44 23.79
N VAL A 152 9.02 -2.11 23.47
CA VAL A 152 9.40 -1.91 22.08
C VAL A 152 9.20 -3.19 21.28
N THR A 153 9.61 -4.32 21.86
CA THR A 153 9.39 -5.62 21.21
C THR A 153 7.92 -5.87 20.95
N ILE A 154 7.05 -5.56 21.92
CA ILE A 154 5.61 -5.78 21.76
C ILE A 154 5.07 -4.95 20.62
N CYS A 155 5.38 -3.65 20.61
CA CYS A 155 4.89 -2.78 19.56
C CYS A 155 5.39 -3.22 18.18
N TYR A 156 6.68 -3.56 18.08
CA TYR A 156 7.23 -4.05 16.81
C TYR A 156 6.48 -5.28 16.32
N ASN A 157 6.08 -6.16 17.24
CA ASN A 157 5.40 -7.38 16.83
C ASN A 157 4.05 -7.08 16.21
N ASP A 158 3.41 -5.98 16.60
CA ASP A 158 2.20 -5.55 15.90
C ASP A 158 2.53 -5.03 14.51
N PHE A 159 3.79 -4.71 14.25
CA PHE A 159 4.25 -4.41 12.89
C PHE A 159 4.83 -5.65 12.21
N GLY A 160 4.59 -6.83 12.76
CA GLY A 160 4.98 -8.08 12.16
C GLY A 160 3.81 -8.80 11.55
N SER A 161 3.97 -10.11 11.32
CA SER A 161 2.95 -10.87 10.62
C SER A 161 2.56 -12.16 11.36
N ARG A 162 2.78 -12.21 12.68
CA ARG A 162 2.53 -13.44 13.44
C ARG A 162 1.44 -13.29 14.51
N ARG A 163 0.67 -12.21 14.48
CA ARG A 163 -0.34 -11.96 15.50
C ARG A 163 -1.75 -12.27 14.99
N ASN A 164 -2.64 -12.55 15.93
CA ASN A 164 -4.06 -12.70 15.61
C ASN A 164 -4.84 -11.42 15.84
N ALA A 165 -4.37 -10.56 16.75
CA ALA A 165 -5.01 -9.29 17.02
C ALA A 165 -3.95 -8.33 17.56
N LEU A 166 -4.12 -7.04 17.24
CA LEU A 166 -3.18 -6.03 17.70
C LEU A 166 -3.23 -5.91 19.22
N ALA A 167 -2.12 -5.47 19.81
CA ALA A 167 -1.96 -5.49 21.25
C ALA A 167 -3.01 -4.63 21.95
N PHE A 168 -3.19 -3.39 21.48
CA PHE A 168 -4.11 -2.49 22.14
C PHE A 168 -5.57 -2.83 21.89
N LEU A 169 -5.85 -3.79 21.00
CA LEU A 169 -7.23 -4.17 20.73
C LEU A 169 -7.92 -4.71 21.98
N ALA A 170 -7.16 -5.09 23.01
CA ALA A 170 -7.75 -5.55 24.25
C ALA A 170 -8.52 -4.44 24.97
N ARG A 171 -8.24 -3.17 24.66
CA ARG A 171 -8.98 -2.07 25.25
C ARG A 171 -10.43 -2.03 24.80
N ALA A 172 -10.74 -2.61 23.64
CA ALA A 172 -12.11 -2.60 23.16
C ALA A 172 -12.95 -3.54 24.00
N PRO A 173 -14.24 -3.26 24.15
CA PRO A 173 -15.12 -4.17 24.88
C PRO A 173 -15.21 -5.53 24.19
N GLN A 174 -15.46 -6.57 24.99
CA GLN A 174 -15.49 -7.94 24.48
C GLN A 174 -16.50 -8.09 23.35
N VAL A 175 -17.66 -7.45 23.47
CA VAL A 175 -18.69 -7.58 22.45
C VAL A 175 -18.22 -6.97 21.12
N ARG A 176 -17.43 -5.89 21.19
CA ARG A 176 -16.86 -5.29 19.99
C ARG A 176 -15.79 -6.18 19.37
N ARG A 177 -14.99 -6.86 20.20
CA ARG A 177 -13.98 -7.76 19.68
C ARG A 177 -14.60 -9.03 19.09
N ASP A 178 -15.66 -9.54 19.71
CA ASP A 178 -16.32 -10.72 19.15
C ASP A 178 -16.98 -10.38 17.82
N LEU A 179 -17.51 -9.16 17.68
CA LEU A 179 -18.10 -8.74 16.42
C LEU A 179 -17.04 -8.61 15.33
N TRP A 180 -15.88 -8.04 15.67
CA TRP A 180 -14.78 -7.98 14.71
C TRP A 180 -14.35 -9.38 14.27
N GLN A 181 -14.35 -10.34 15.20
CA GLN A 181 -13.97 -11.72 14.87
C GLN A 181 -14.92 -12.32 13.84
N ARG A 182 -16.23 -12.18 14.06
CA ARG A 182 -17.21 -12.76 13.14
C ARG A 182 -17.10 -12.14 11.75
N LEU A 183 -16.93 -10.82 11.68
CA LEU A 183 -16.91 -10.14 10.40
C LEU A 183 -15.59 -10.32 9.66
N GLY A 184 -14.54 -10.77 10.34
CA GLY A 184 -13.23 -10.84 9.73
C GLY A 184 -12.54 -9.50 9.64
N MET A 185 -12.83 -8.58 10.57
CA MET A 185 -12.22 -7.26 10.59
C MET A 185 -11.09 -7.14 11.59
N THR A 186 -10.85 -8.16 12.41
CA THR A 186 -9.84 -8.03 13.47
C THR A 186 -8.51 -7.63 12.87
N PRO A 187 -7.96 -6.47 13.21
CA PRO A 187 -6.64 -6.10 12.69
C PRO A 187 -5.58 -7.01 13.27
N ARG A 188 -4.78 -7.60 12.38
CA ARG A 188 -3.75 -8.56 12.75
C ARG A 188 -2.37 -7.93 12.81
N GLY A 189 -2.01 -7.13 11.80
CA GLY A 189 -0.74 -6.44 11.78
C GLY A 189 -0.84 -5.08 11.12
N VAL A 190 -0.13 -4.09 11.68
CA VAL A 190 -0.25 -2.73 11.17
C VAL A 190 0.15 -2.66 9.70
N ASP A 191 1.33 -3.16 9.36
CA ASP A 191 1.77 -3.13 7.96
C ASP A 191 1.02 -4.15 7.12
N ARG A 192 0.65 -5.28 7.71
CA ARG A 192 0.11 -6.40 6.93
C ARG A 192 -1.23 -6.03 6.28
N GLU A 193 -2.12 -5.38 7.03
CA GLU A 193 -3.39 -4.99 6.44
C GLU A 193 -3.18 -4.03 5.27
N ILE A 194 -2.23 -3.10 5.40
CA ILE A 194 -1.91 -2.21 4.30
C ILE A 194 -1.45 -3.02 3.09
N ALA A 195 -0.55 -3.98 3.30
CA ALA A 195 -0.06 -4.79 2.18
C ALA A 195 -1.17 -5.64 1.58
N GLU A 196 -2.00 -6.25 2.43
CA GLU A 196 -3.11 -7.04 1.90
C GLU A 196 -4.10 -6.17 1.12
N MET A 197 -4.30 -4.92 1.53
CA MET A 197 -5.16 -4.02 0.77
C MET A 197 -4.60 -3.78 -0.62
N MET A 198 -3.29 -3.51 -0.71
CA MET A 198 -2.67 -3.32 -2.01
C MET A 198 -2.72 -4.59 -2.84
N HIS A 199 -2.67 -5.76 -2.19
CA HIS A 199 -2.80 -7.01 -2.91
C HIS A 199 -4.22 -7.18 -3.45
N ARG A 200 -5.23 -6.94 -2.60
CA ARG A 200 -6.61 -7.14 -2.99
C ARG A 200 -7.02 -6.22 -4.13
N THR A 201 -6.51 -4.99 -4.15
CA THR A 201 -6.89 -4.00 -5.15
C THR A 201 -6.14 -4.17 -6.48
N HIS A 202 -5.23 -5.13 -6.57
CA HIS A 202 -4.59 -5.50 -7.82
C HIS A 202 -5.62 -6.14 -8.76
N MET A 203 -5.31 -6.12 -10.05
CA MET A 203 -6.20 -6.72 -11.05
C MET A 203 -6.43 -8.19 -10.75
N GLY A 204 -7.69 -8.61 -10.77
CA GLY A 204 -8.02 -10.01 -10.68
C GLY A 204 -7.79 -10.65 -9.34
N CYS A 205 -7.79 -9.87 -8.25
CA CYS A 205 -7.67 -10.42 -6.92
C CYS A 205 -9.02 -10.33 -6.24
N ASP A 206 -9.31 -9.28 -5.48
CA ASP A 206 -10.58 -9.15 -4.77
C ASP A 206 -11.56 -8.38 -5.65
N ASN A 207 -12.61 -9.06 -6.09
CA ASN A 207 -13.62 -8.49 -6.98
C ASN A 207 -15.02 -8.56 -6.37
N ASP A 208 -15.12 -8.27 -5.07
CA ASP A 208 -16.40 -8.18 -4.38
C ASP A 208 -16.38 -6.94 -3.50
N HIS A 209 -17.24 -5.97 -3.80
CA HIS A 209 -17.16 -4.68 -3.11
C HIS A 209 -17.45 -4.81 -1.62
N THR A 210 -18.24 -5.81 -1.23
CA THR A 210 -18.44 -6.06 0.19
C THR A 210 -17.16 -6.54 0.85
N SER A 211 -16.50 -7.51 0.22
CA SER A 211 -15.21 -8.00 0.73
C SER A 211 -14.18 -6.87 0.83
N LEU A 212 -14.14 -6.00 -0.19
CA LEU A 212 -13.16 -4.92 -0.20
C LEU A 212 -13.41 -3.93 0.93
N LEU A 213 -14.68 -3.56 1.17
CA LEU A 213 -14.97 -2.59 2.23
C LEU A 213 -14.70 -3.17 3.61
N VAL A 214 -14.97 -4.47 3.80
CA VAL A 214 -14.67 -5.10 5.07
C VAL A 214 -13.18 -5.05 5.38
N HIS A 215 -12.35 -5.27 4.35
CA HIS A 215 -10.91 -5.16 4.60
C HIS A 215 -10.46 -3.71 4.74
N ALA A 216 -11.16 -2.77 4.10
CA ALA A 216 -10.88 -1.37 4.39
C ALA A 216 -11.10 -1.06 5.85
N ALA A 217 -12.20 -1.57 6.42
CA ALA A 217 -12.44 -1.43 7.85
C ALA A 217 -11.32 -2.07 8.65
N ARG A 218 -10.94 -3.30 8.28
CA ARG A 218 -9.82 -3.95 8.95
C ARG A 218 -8.53 -3.15 8.81
N THR A 219 -8.27 -2.59 7.62
CA THR A 219 -7.09 -1.76 7.43
C THR A 219 -7.15 -0.50 8.28
N ALA A 220 -8.31 0.14 8.33
CA ALA A 220 -8.42 1.37 9.13
C ALA A 220 -8.38 1.07 10.62
N LEU A 221 -8.92 -0.08 11.05
CA LEU A 221 -8.82 -0.46 12.45
C LEU A 221 -7.38 -0.73 12.86
N ALA A 222 -6.55 -1.25 11.94
CA ALA A 222 -5.13 -1.42 12.25
C ALA A 222 -4.43 -0.10 12.44
N ASP A 223 -4.99 0.99 11.90
CA ASP A 223 -4.49 2.33 12.18
C ASP A 223 -4.91 2.79 13.58
N GLY A 224 -6.22 2.86 13.82
CA GLY A 224 -6.71 3.45 15.05
C GLY A 224 -6.27 2.70 16.29
N TRP A 225 -6.28 1.37 16.24
CA TRP A 225 -5.88 0.55 17.36
C TRP A 225 -4.44 0.05 17.25
N GLY A 226 -3.72 0.44 16.20
CA GLY A 226 -2.35 0.02 16.04
C GLY A 226 -1.40 1.19 15.83
N GLY A 227 -1.29 1.67 14.59
CA GLY A 227 -0.31 2.71 14.28
C GLY A 227 -0.52 3.98 15.08
N SER A 228 -1.74 4.51 15.07
CA SER A 228 -2.00 5.77 15.76
C SER A 228 -1.92 5.61 17.27
N MET A 229 -2.48 4.53 17.82
CA MET A 229 -2.48 4.34 19.27
C MET A 229 -1.07 4.13 19.79
N ILE A 230 -0.26 3.34 19.07
CA ILE A 230 1.15 3.20 19.44
C ILE A 230 1.85 4.54 19.38
N GLY A 231 1.55 5.34 18.34
CA GLY A 231 2.15 6.65 18.24
C GLY A 231 1.80 7.56 19.41
N THR A 232 0.51 7.60 19.76
CA THR A 232 0.07 8.48 20.85
C THR A 232 0.69 8.05 22.18
N GLU A 233 0.62 6.75 22.49
CA GLU A 233 1.08 6.29 23.79
C GLU A 233 2.59 6.38 23.94
N LEU A 234 3.33 6.09 22.86
CA LEU A 234 4.78 6.19 22.94
C LEU A 234 5.26 7.63 22.96
N SER A 235 4.51 8.55 22.33
CA SER A 235 4.88 9.96 22.40
C SER A 235 4.70 10.51 23.80
N ASP A 236 3.62 10.11 24.49
CA ASP A 236 3.44 10.52 25.88
C ASP A 236 4.53 9.96 26.77
N ILE A 237 4.97 8.73 26.51
CA ILE A 237 6.05 8.14 27.29
C ILE A 237 7.35 8.93 27.08
N LEU A 238 7.67 9.24 25.82
CA LEU A 238 8.94 9.88 25.51
C LEU A 238 8.95 11.36 25.89
N PHE A 239 7.86 12.08 25.60
CA PHE A 239 7.85 13.52 25.74
C PHE A 239 6.89 14.04 26.80
N GLY A 240 6.19 13.17 27.50
CA GLY A 240 5.33 13.61 28.59
C GLY A 240 3.85 13.46 28.25
N THR A 241 3.05 13.10 29.26
CA THR A 241 1.60 13.01 29.07
C THR A 241 0.97 14.38 29.23
N PRO A 242 0.12 14.81 28.29
CA PRO A 242 -0.45 16.15 28.36
C PRO A 242 -1.26 16.39 29.62
N ARG A 243 -1.19 17.61 30.12
CA ARG A 243 -1.99 18.13 31.22
C ARG A 243 -2.56 19.49 30.81
N PRO A 244 -3.71 19.87 31.38
CA PRO A 244 -4.36 21.13 30.97
C PRO A 244 -3.45 22.33 31.22
N ARG A 245 -3.39 23.22 30.24
CA ARG A 245 -2.57 24.42 30.33
C ARG A 245 -3.10 25.45 29.34
N GLN A 246 -2.61 26.68 29.50
CA GLN A 246 -3.04 27.81 28.68
C GLN A 246 -2.02 28.09 27.58
N SER A 247 -2.51 28.62 26.46
CA SER A 247 -1.67 28.98 25.34
C SER A 247 -2.44 29.97 24.46
N THR A 248 -1.94 30.21 23.26
CA THR A 248 -2.56 31.15 22.34
C THR A 248 -2.56 30.56 20.93
N VAL A 249 -3.42 31.12 20.06
CA VAL A 249 -3.54 30.65 18.68
C VAL A 249 -3.65 31.85 17.74
N ASN A 250 -3.56 31.54 16.43
CA ASN A 250 -3.63 32.41 15.25
C ASN A 250 -2.27 33.03 14.92
N LEU A 251 -2.18 33.74 13.79
CA LEU A 251 -0.90 34.23 13.30
C LEU A 251 -0.27 35.27 14.22
N GLY A 252 -1.06 35.88 15.11
CA GLY A 252 -0.53 36.84 16.06
C GLY A 252 0.50 36.27 17.01
N VAL A 253 0.63 34.94 17.06
CA VAL A 253 1.64 34.34 17.93
C VAL A 253 3.05 34.59 17.41
N LEU A 254 3.17 35.00 16.14
CA LEU A 254 4.46 35.43 15.61
C LEU A 254 4.80 36.82 16.15
N ARG A 255 6.07 37.01 16.48
CA ARG A 255 6.55 38.26 17.07
C ARG A 255 7.51 38.94 16.11
N LYS A 256 7.31 40.26 15.93
CA LYS A 256 8.17 41.02 15.02
C LYS A 256 9.59 41.14 15.55
N ASP A 257 9.76 41.18 16.87
CA ASP A 257 11.05 41.40 17.50
C ASP A 257 11.81 40.11 17.80
N ALA A 258 11.31 38.96 17.33
CA ALA A 258 11.89 37.68 17.68
C ALA A 258 12.22 36.89 16.42
N VAL A 259 13.03 35.85 16.60
CA VAL A 259 13.27 34.86 15.56
C VAL A 259 12.12 33.86 15.58
N ASN A 260 11.34 33.83 14.50
CA ASN A 260 10.15 33.00 14.41
C ASN A 260 10.49 31.70 13.70
N ILE A 261 10.43 30.60 14.45
CA ILE A 261 10.63 29.26 13.90
C ILE A 261 9.28 28.56 13.91
N LEU A 262 8.82 28.16 12.73
CA LEU A 262 7.56 27.44 12.58
C LEU A 262 7.85 25.97 12.34
N VAL A 263 7.36 25.12 13.23
CA VAL A 263 7.48 23.67 13.06
C VAL A 263 6.23 23.17 12.36
N HIS A 264 6.42 22.30 11.37
CA HIS A 264 5.34 21.87 10.48
C HIS A 264 5.47 20.36 10.25
N GLY A 265 4.33 19.67 10.23
CA GLY A 265 4.30 18.24 9.99
C GLY A 265 3.58 17.53 11.13
N HIS A 266 4.09 16.34 11.47
CA HIS A 266 3.45 15.46 12.43
C HIS A 266 4.38 14.92 13.51
N ASN A 267 5.69 14.96 13.34
CA ASN A 267 6.59 14.20 14.20
C ASN A 267 7.06 15.07 15.37
N PRO A 268 6.68 14.75 16.61
CA PRO A 268 7.22 15.50 17.74
C PRO A 268 8.68 15.18 18.04
N VAL A 269 9.22 14.09 17.50
CA VAL A 269 10.62 13.74 17.76
C VAL A 269 11.55 14.85 17.34
N VAL A 270 11.25 15.50 16.21
CA VAL A 270 12.09 16.58 15.71
C VAL A 270 11.75 17.90 16.40
N SER A 271 10.45 18.21 16.48
CA SER A 271 10.04 19.50 17.01
C SER A 271 10.35 19.65 18.50
N GLU A 272 10.30 18.56 19.26
CA GLU A 272 10.68 18.64 20.68
C GLU A 272 12.15 19.00 20.84
N MET A 273 13.01 18.46 19.97
CA MET A 273 14.42 18.79 20.04
C MET A 273 14.70 20.18 19.48
N ILE A 274 13.88 20.67 18.54
CA ILE A 274 14.00 22.05 18.10
C ILE A 274 13.80 22.99 19.28
N LEU A 275 12.75 22.75 20.06
CA LEU A 275 12.44 23.60 21.20
C LEU A 275 13.57 23.57 22.24
N ALA A 276 14.17 22.40 22.44
CA ALA A 276 15.27 22.30 23.38
C ALA A 276 16.47 23.13 22.92
N ALA A 277 16.70 23.17 21.61
CA ALA A 277 17.84 23.93 21.09
C ALA A 277 17.63 25.43 21.28
N THR A 278 16.40 25.92 21.07
CA THR A 278 16.12 27.34 21.27
C THR A 278 16.17 27.76 22.73
N ARG A 279 16.26 26.81 23.66
CA ARG A 279 16.39 27.09 25.08
C ARG A 279 17.80 26.88 25.59
N GLU A 280 18.75 26.57 24.71
CA GLU A 280 20.15 26.51 25.10
C GLU A 280 20.69 27.92 25.29
N PRO A 281 21.56 28.13 26.28
CA PRO A 281 22.05 29.50 26.54
C PRO A 281 22.87 30.07 25.39
N ALA A 282 23.77 29.28 24.81
CA ALA A 282 24.60 29.76 23.70
C ALA A 282 23.77 30.09 22.47
N VAL A 283 22.69 29.33 22.22
CA VAL A 283 21.84 29.59 21.06
C VAL A 283 21.02 30.85 21.28
N ARG A 284 20.47 31.03 22.48
CA ARG A 284 19.74 32.24 22.78
C ARG A 284 20.62 33.48 22.69
N GLN A 285 21.94 33.31 22.92
CA GLN A 285 22.86 34.42 22.75
C GLN A 285 22.96 34.86 21.30
N ALA A 286 23.02 33.89 20.38
CA ALA A 286 23.13 34.21 18.95
C ALA A 286 21.93 35.02 18.46
N ALA A 287 20.75 34.78 19.02
CA ALA A 287 19.58 35.56 18.61
C ALA A 287 19.71 37.01 19.05
N GLN A 288 20.16 37.25 20.27
CA GLN A 288 20.35 38.62 20.75
C GLN A 288 21.43 39.33 19.94
N ASP A 289 22.51 38.61 19.59
CA ASP A 289 23.56 39.17 18.76
C ASP A 289 23.07 39.57 17.38
N ALA A 290 21.99 38.96 16.90
CA ALA A 290 21.43 39.28 15.59
C ALA A 290 20.41 40.40 15.65
N GLY A 291 20.12 40.93 16.84
CA GLY A 291 19.16 41.99 17.01
C GLY A 291 17.76 41.54 17.40
N ALA A 292 17.58 40.27 17.74
CA ALA A 292 16.30 39.72 18.13
C ALA A 292 16.19 39.66 19.65
N ALA A 293 14.97 39.86 20.15
CA ALA A 293 14.74 39.80 21.59
C ALA A 293 14.74 38.37 22.11
N ASP A 294 14.30 37.41 21.29
CA ASP A 294 14.23 36.01 21.71
C ASP A 294 14.07 35.15 20.46
N ILE A 295 14.07 33.83 20.67
CA ILE A 295 13.69 32.87 19.64
C ILE A 295 12.28 32.38 19.96
N ASN A 296 11.36 32.57 19.03
CA ASN A 296 9.95 32.26 19.23
C ASN A 296 9.59 31.04 18.39
N VAL A 297 9.17 29.96 19.07
CA VAL A 297 8.72 28.76 18.39
C VAL A 297 7.20 28.76 18.37
N ALA A 298 6.64 28.53 17.19
CA ALA A 298 5.20 28.41 17.02
C ALA A 298 4.92 27.21 16.13
N GLY A 299 3.77 26.57 16.35
CA GLY A 299 3.45 25.31 15.71
C GLY A 299 2.52 25.45 14.52
N LEU A 300 2.61 24.48 13.61
CA LEU A 300 1.72 24.36 12.47
C LEU A 300 1.27 22.91 12.33
N CYS A 301 -0.01 22.74 12.00
N CYS A 301 0.00 22.72 12.01
CA CYS A 301 -0.63 21.43 11.80
CA CYS A 301 -0.55 21.40 11.67
C CYS A 301 -0.36 20.49 12.97
C CYS A 301 -0.43 20.49 12.90
N CYS A 302 -0.16 19.20 12.70
CA CYS A 302 -0.21 18.21 13.78
C CYS A 302 0.99 18.30 14.71
N THR A 303 2.19 18.55 14.18
CA THR A 303 3.33 18.74 15.07
C THR A 303 3.11 19.94 15.98
N GLY A 304 2.37 20.95 15.52
CA GLY A 304 1.99 22.04 16.38
C GLY A 304 1.02 21.61 17.48
N ASN A 305 0.04 20.77 17.13
CA ASN A 305 -0.86 20.22 18.15
C ASN A 305 -0.08 19.45 19.21
N GLU A 306 0.96 18.71 18.81
CA GLU A 306 1.74 17.95 19.77
C GLU A 306 2.50 18.88 20.71
N LEU A 307 3.17 19.90 20.15
CA LEU A 307 3.88 20.87 20.99
C LEU A 307 2.91 21.70 21.82
N LEU A 308 1.69 21.91 21.33
CA LEU A 308 0.68 22.61 22.10
C LEU A 308 0.24 21.78 23.31
N MET A 309 -0.01 20.49 23.10
CA MET A 309 -0.52 19.64 24.17
C MET A 309 0.49 19.45 25.30
N ARG A 310 1.77 19.25 24.95
CA ARG A 310 2.76 18.86 25.93
C ARG A 310 3.62 20.01 26.44
N GLN A 311 3.77 21.08 25.66
CA GLN A 311 4.59 22.23 26.07
C GLN A 311 3.83 23.54 26.10
N GLY A 312 2.60 23.60 25.56
CA GLY A 312 1.88 24.85 25.51
C GLY A 312 2.38 25.82 24.47
N ILE A 313 3.17 25.35 23.51
CA ILE A 313 3.70 26.23 22.46
C ILE A 313 2.54 26.72 21.60
N PRO A 314 2.42 28.03 21.35
CA PRO A 314 1.27 28.54 20.61
C PRO A 314 1.26 28.09 19.15
N MET A 315 0.04 27.95 18.62
CA MET A 315 -0.15 27.50 17.24
C MET A 315 -0.40 28.69 16.33
N ALA A 316 0.32 28.71 15.19
CA ALA A 316 0.16 29.78 14.23
C ALA A 316 -1.11 29.60 13.40
N GLY A 317 -1.48 28.36 13.09
CA GLY A 317 -2.69 28.13 12.32
C GLY A 317 -2.78 26.70 11.85
N ASN A 318 -3.89 26.42 11.17
CA ASN A 318 -4.17 25.09 10.66
C ASN A 318 -3.79 24.96 9.19
N HIS A 319 -4.51 24.11 8.45
CA HIS A 319 -4.05 23.65 7.15
C HIS A 319 -3.88 24.80 6.15
N LEU A 320 -4.95 25.53 5.87
CA LEU A 320 -4.90 26.58 4.86
C LEU A 320 -4.16 27.82 5.33
N MET A 321 -3.83 27.92 6.62
CA MET A 321 -3.04 29.03 7.13
C MET A 321 -1.54 28.85 6.91
N THR A 322 -1.10 27.65 6.50
CA THR A 322 0.34 27.38 6.43
C THR A 322 1.02 28.25 5.38
N GLU A 323 0.37 28.46 4.24
CA GLU A 323 0.93 29.36 3.24
C GLU A 323 0.91 30.80 3.73
N LEU A 324 -0.16 31.20 4.43
CA LEU A 324 -0.31 32.59 4.83
C LEU A 324 0.69 32.98 5.91
N ALA A 325 1.13 32.03 6.74
CA ALA A 325 2.11 32.34 7.77
C ALA A 325 3.44 32.80 7.18
N ILE A 326 3.83 32.26 6.02
CA ILE A 326 5.04 32.74 5.36
C ILE A 326 4.82 34.14 4.77
N VAL A 327 3.60 34.40 4.29
CA VAL A 327 3.29 35.70 3.69
C VAL A 327 3.37 36.83 4.72
N THR A 328 3.26 36.51 6.02
CA THR A 328 3.43 37.53 7.05
C THR A 328 4.78 38.22 6.96
N GLY A 329 5.76 37.61 6.31
CA GLY A 329 7.10 38.15 6.24
C GLY A 329 7.93 37.97 7.47
N ALA A 330 7.36 37.40 8.55
CA ALA A 330 8.08 37.19 9.80
C ALA A 330 8.48 35.74 10.01
N ALA A 331 8.13 34.84 9.09
CA ALA A 331 8.51 33.44 9.21
C ALA A 331 9.97 33.31 8.82
N ASP A 332 10.83 33.12 9.83
CA ASP A 332 12.27 33.07 9.56
C ASP A 332 12.72 31.69 9.10
N ALA A 333 12.04 30.64 9.53
CA ALA A 333 12.31 29.29 9.04
C ALA A 333 11.08 28.43 9.23
N ILE A 334 10.94 27.44 8.35
CA ILE A 334 9.93 26.39 8.47
C ILE A 334 10.67 25.07 8.61
N VAL A 335 10.44 24.38 9.72
CA VAL A 335 11.06 23.09 9.98
C VAL A 335 10.00 22.02 9.74
N ALA A 336 10.19 21.22 8.69
CA ALA A 336 9.22 20.23 8.26
C ALA A 336 9.75 18.82 8.48
N ASP A 337 8.83 17.89 8.73
CA ASP A 337 9.18 16.48 8.75
C ASP A 337 8.47 15.74 7.62
N TYR A 338 7.22 15.33 7.82
CA TYR A 338 6.48 14.66 6.75
C TYR A 338 4.98 14.82 6.98
N GLN A 339 4.21 14.56 5.91
CA GLN A 339 2.76 14.50 5.89
C GLN A 339 2.09 15.87 5.91
N CYS A 340 1.24 16.13 4.91
CA CYS A 340 0.38 17.31 4.82
C CYS A 340 1.18 18.61 4.77
N ILE A 341 2.42 18.56 4.32
CA ILE A 341 3.25 19.74 4.13
C ILE A 341 3.20 20.08 2.64
N MET A 342 2.43 21.11 2.29
CA MET A 342 2.23 21.45 0.90
C MET A 342 3.55 21.86 0.26
N PRO A 343 3.96 21.23 -0.85
CA PRO A 343 5.24 21.59 -1.49
C PRO A 343 5.26 23.00 -2.06
N SER A 344 4.10 23.67 -2.11
CA SER A 344 4.07 25.08 -2.51
C SER A 344 4.74 25.98 -1.47
N LEU A 345 4.90 25.50 -0.23
CA LEU A 345 5.59 26.28 0.78
C LEU A 345 7.02 26.60 0.37
N VAL A 346 7.66 25.69 -0.37
CA VAL A 346 9.03 25.92 -0.84
C VAL A 346 9.08 27.13 -1.76
N GLN A 347 8.10 27.25 -2.66
CA GLN A 347 8.11 28.37 -3.60
C GLN A 347 7.75 29.67 -2.89
N ILE A 348 6.77 29.64 -1.98
CA ILE A 348 6.40 30.84 -1.24
C ILE A 348 7.53 31.28 -0.33
N ALA A 349 8.29 30.33 0.22
CA ALA A 349 9.45 30.70 1.02
C ALA A 349 10.54 31.36 0.18
N ALA A 350 10.65 30.98 -1.10
CA ALA A 350 11.61 31.60 -1.98
C ALA A 350 11.24 33.06 -2.29
N CYS A 351 9.96 33.40 -2.20
CA CYS A 351 9.53 34.79 -2.36
C CYS A 351 9.97 35.68 -1.20
N TYR A 352 10.42 35.09 -0.08
CA TYR A 352 10.89 35.88 1.04
C TYR A 352 12.31 35.46 1.45
N HIS A 353 12.67 35.75 2.69
CA HIS A 353 13.91 35.33 3.31
C HIS A 353 13.82 33.95 3.95
N THR A 354 12.62 33.38 4.03
CA THR A 354 12.36 32.20 4.86
C THR A 354 13.19 31.02 4.39
N ARG A 355 13.75 30.28 5.36
CA ARG A 355 14.45 29.04 5.11
C ARG A 355 13.49 27.87 5.31
N PHE A 356 13.31 27.07 4.27
CA PHE A 356 12.47 25.87 4.33
C PHE A 356 13.39 24.68 4.56
N VAL A 357 13.29 24.06 5.74
CA VAL A 357 14.19 23.00 6.15
C VAL A 357 13.39 21.71 6.31
N THR A 358 13.82 20.67 5.60
CA THR A 358 13.27 19.34 5.75
C THR A 358 14.20 18.49 6.62
N THR A 359 13.61 17.60 7.42
CA THR A 359 14.37 16.82 8.38
C THR A 359 14.23 15.31 8.23
N SER A 360 13.34 14.83 7.36
CA SER A 360 13.07 13.40 7.33
C SER A 360 13.47 12.79 6.00
N PRO A 361 14.04 11.58 6.02
CA PRO A 361 14.30 10.87 4.75
C PRO A 361 13.03 10.55 3.97
N LYS A 362 11.88 10.48 4.63
CA LYS A 362 10.63 10.21 3.93
C LYS A 362 9.98 11.47 3.37
N GLY A 363 10.22 12.63 3.97
CA GLY A 363 9.66 13.87 3.48
C GLY A 363 10.65 14.75 2.76
N ARG A 364 10.94 14.44 1.49
CA ARG A 364 11.89 15.18 0.69
C ARG A 364 11.16 16.16 -0.21
N PHE A 365 11.68 17.39 -0.28
CA PHE A 365 11.08 18.45 -1.09
C PHE A 365 12.18 19.05 -1.97
N THR A 366 11.97 18.99 -3.28
CA THR A 366 12.94 19.57 -4.21
C THR A 366 13.13 21.05 -3.93
N GLY A 367 14.38 21.47 -3.81
CA GLY A 367 14.71 22.85 -3.55
C GLY A 367 14.77 23.23 -2.09
N ALA A 368 14.47 22.31 -1.18
CA ALA A 368 14.51 22.61 0.24
C ALA A 368 15.92 22.35 0.79
N THR A 369 16.17 22.92 1.96
CA THR A 369 17.42 22.69 2.70
C THR A 369 17.21 21.48 3.59
N HIS A 370 17.88 20.36 3.26
CA HIS A 370 17.68 19.09 3.95
C HIS A 370 18.74 18.95 5.03
N VAL A 371 18.30 18.95 6.28
CA VAL A 371 19.16 18.69 7.44
C VAL A 371 18.55 17.48 8.14
N GLU A 372 18.91 16.28 7.68
CA GLU A 372 18.23 15.07 8.14
C GLU A 372 18.46 14.83 9.63
N VAL A 373 17.36 14.61 10.35
CA VAL A 373 17.36 14.45 11.80
C VAL A 373 17.07 13.00 12.13
N HIS A 374 17.89 12.44 13.03
CA HIS A 374 17.73 11.11 13.60
C HIS A 374 17.94 11.22 15.10
N PRO A 375 17.44 10.25 15.87
CA PRO A 375 17.62 10.33 17.33
C PRO A 375 19.08 10.45 17.76
N HIS A 376 20.02 9.82 17.04
CA HIS A 376 21.41 9.84 17.50
C HIS A 376 22.10 11.18 17.25
N ASN A 377 21.56 12.02 16.34
CA ASN A 377 22.18 13.29 16.05
C ASN A 377 21.23 14.48 16.22
N ALA A 378 20.05 14.26 16.81
CA ALA A 378 19.03 15.31 16.83
C ALA A 378 19.50 16.53 17.60
N GLN A 379 20.18 16.33 18.73
CA GLN A 379 20.63 17.46 19.52
C GLN A 379 21.59 18.34 18.74
N GLU A 380 22.51 17.72 18.00
CA GLU A 380 23.45 18.49 17.18
C GLU A 380 22.75 19.07 15.96
N ARG A 381 21.96 18.26 15.25
CA ARG A 381 21.35 18.73 14.01
C ARG A 381 20.34 19.83 14.26
N CYS A 382 19.49 19.69 15.27
CA CYS A 382 18.50 20.73 15.56
C CYS A 382 19.16 22.01 16.01
N ARG A 383 20.27 21.91 16.75
CA ARG A 383 21.07 23.09 17.05
C ARG A 383 21.51 23.78 15.77
N GLU A 384 21.99 22.99 14.80
CA GLU A 384 22.38 23.53 13.51
C GLU A 384 21.18 24.12 12.76
N ILE A 385 19.98 23.55 12.96
CA ILE A 385 18.81 24.04 12.26
C ILE A 385 18.35 25.38 12.85
N VAL A 386 18.43 25.54 14.17
CA VAL A 386 18.03 26.81 14.77
C VAL A 386 18.99 27.92 14.33
N MET A 387 20.26 27.59 14.14
CA MET A 387 21.22 28.61 13.71
C MET A 387 20.90 29.12 12.30
N LEU A 388 20.44 28.24 11.41
CA LEU A 388 20.02 28.69 10.08
C LEU A 388 18.84 29.65 10.17
N ALA A 389 17.99 29.51 11.19
CA ALA A 389 16.87 30.41 11.36
C ALA A 389 17.33 31.79 11.83
N ILE A 390 18.34 31.82 12.71
CA ILE A 390 18.88 33.11 13.17
C ILE A 390 19.54 33.85 12.02
N ASP A 391 20.29 33.13 11.18
CA ASP A 391 20.90 33.75 10.01
C ASP A 391 19.85 34.27 9.05
N ALA A 392 18.80 33.49 8.80
CA ALA A 392 17.74 33.94 7.90
C ALA A 392 17.02 35.16 8.46
N TYR A 393 16.97 35.29 9.79
CA TYR A 393 16.34 36.46 10.40
C TYR A 393 17.09 37.73 10.03
N THR A 394 18.41 37.66 9.92
CA THR A 394 19.20 38.85 9.57
C THR A 394 18.95 39.32 8.14
N ARG A 395 18.34 38.48 7.30
CA ARG A 395 18.02 38.85 5.93
C ARG A 395 16.55 39.23 5.75
N ARG A 396 15.81 39.44 6.84
CA ARG A 396 14.40 39.75 6.74
C ARG A 396 14.18 41.15 6.18
N ASP A 397 13.22 41.27 5.27
CA ASP A 397 12.85 42.55 4.67
C ASP A 397 11.77 43.18 5.55
N PRO A 398 12.07 44.21 6.33
CA PRO A 398 11.07 44.74 7.28
C PRO A 398 9.87 45.37 6.62
N ALA A 399 9.99 45.84 5.37
CA ALA A 399 8.86 46.48 4.70
C ALA A 399 7.75 45.50 4.35
N ARG A 400 8.06 44.21 4.21
CA ARG A 400 7.08 43.20 3.85
C ARG A 400 6.54 42.45 5.05
N VAL A 401 6.72 42.97 6.26
CA VAL A 401 6.23 42.30 7.46
C VAL A 401 4.83 42.80 7.77
N ASP A 402 3.91 41.86 8.00
CA ASP A 402 2.55 42.20 8.39
C ASP A 402 1.99 41.03 9.21
N ILE A 403 2.09 41.14 10.52
CA ILE A 403 1.50 40.17 11.45
C ILE A 403 0.12 40.70 11.84
N PRO A 404 -0.97 40.11 11.35
CA PRO A 404 -2.26 40.82 11.32
C PRO A 404 -2.99 40.99 12.65
N SER A 405 -3.18 39.92 13.39
CA SER A 405 -4.09 39.94 14.53
C SER A 405 -3.33 39.76 15.83
N GLN A 406 -4.08 39.75 16.92
CA GLN A 406 -3.64 39.49 18.29
C GLN A 406 -4.04 38.07 18.68
N PRO A 407 -3.11 37.34 19.31
CA PRO A 407 -3.38 35.93 19.61
C PRO A 407 -4.56 35.78 20.54
N VAL A 408 -5.27 34.67 20.37
CA VAL A 408 -6.46 34.35 21.17
C VAL A 408 -6.08 33.28 22.17
N SER A 409 -6.50 33.46 23.42
CA SER A 409 -6.18 32.49 24.45
C SER A 409 -6.96 31.20 24.24
N ILE A 410 -6.29 30.07 24.47
CA ILE A 410 -6.89 28.75 24.40
C ILE A 410 -6.40 27.95 25.59
N MET A 411 -7.08 26.83 25.83
CA MET A 411 -6.68 25.85 26.83
C MET A 411 -6.53 24.53 26.12
N SER A 412 -5.44 23.82 26.40
CA SER A 412 -5.10 22.60 25.69
C SER A 412 -4.61 21.56 26.68
N GLY A 413 -4.34 20.35 26.18
CA GLY A 413 -3.77 19.30 26.99
C GLY A 413 -4.76 18.37 27.63
N PHE A 414 -5.89 18.10 26.98
CA PHE A 414 -6.91 17.24 27.57
C PHE A 414 -6.76 15.81 27.08
N SER A 415 -5.69 15.17 27.56
CA SER A 415 -5.53 13.74 27.42
C SER A 415 -6.53 13.01 28.32
N ASN A 416 -6.73 11.72 28.05
CA ASN A 416 -7.59 10.92 28.90
C ASN A 416 -7.09 10.88 30.34
N GLU A 417 -5.77 10.89 30.53
CA GLU A 417 -5.21 11.00 31.87
C GLU A 417 -5.63 12.30 32.54
N ALA A 418 -5.58 13.41 31.81
CA ALA A 418 -5.98 14.69 32.37
C ALA A 418 -7.49 14.72 32.63
N ILE A 419 -8.27 14.09 31.76
CA ILE A 419 -9.72 14.08 31.96
C ILE A 419 -10.08 13.31 33.22
N LEU A 420 -9.54 12.09 33.36
CA LEU A 420 -9.87 11.27 34.52
C LEU A 420 -9.37 11.89 35.82
N GLU A 421 -8.23 12.58 35.80
CA GLU A 421 -7.77 13.26 37.00
C GLU A 421 -8.72 14.38 37.39
N ALA A 422 -9.27 15.09 36.41
CA ALA A 422 -10.24 16.15 36.73
C ALA A 422 -11.51 15.57 37.35
N LEU A 423 -11.82 14.32 37.05
CA LEU A 423 -13.01 13.65 37.58
C LEU A 423 -12.74 12.92 38.88
N GLY A 424 -11.56 13.09 39.46
CA GLY A 424 -11.20 12.41 40.68
C GLY A 424 -10.61 11.03 40.53
N GLY A 425 -10.18 10.64 39.33
CA GLY A 425 -9.57 9.35 39.09
C GLY A 425 -10.49 8.27 38.60
N THR A 426 -11.77 8.56 38.39
CA THR A 426 -12.73 7.58 37.89
C THR A 426 -13.61 8.23 36.84
N PRO A 427 -14.17 7.45 35.91
CA PRO A 427 -15.13 8.01 34.97
C PRO A 427 -16.54 8.17 35.53
N LYS A 428 -16.74 7.90 36.83
CA LYS A 428 -18.09 7.93 37.39
C LYS A 428 -18.78 9.29 37.27
N PRO A 429 -18.15 10.42 37.63
CA PRO A 429 -18.86 11.71 37.47
C PRO A 429 -19.27 11.99 36.03
N LEU A 430 -18.45 11.58 35.06
CA LEU A 430 -18.81 11.75 33.66
C LEU A 430 -20.03 10.90 33.30
N ILE A 431 -20.03 9.64 33.74
CA ILE A 431 -21.18 8.78 33.48
C ILE A 431 -22.43 9.33 34.16
N ASP A 432 -22.27 9.87 35.36
CA ASP A 432 -23.41 10.43 36.08
C ASP A 432 -24.01 11.61 35.32
N ALA A 433 -23.16 12.48 34.77
CA ALA A 433 -23.65 13.62 34.01
C ALA A 433 -24.39 13.16 32.75
N VAL A 434 -23.90 12.10 32.10
CA VAL A 434 -24.57 11.60 30.91
C VAL A 434 -25.90 10.97 31.28
N VAL A 435 -25.96 10.23 32.39
CA VAL A 435 -27.23 9.64 32.83
C VAL A 435 -28.22 10.73 33.21
N ALA A 436 -27.75 11.78 33.90
CA ALA A 436 -28.62 12.88 34.31
C ALA A 436 -29.12 13.70 33.13
N GLY A 437 -28.43 13.67 32.00
CA GLY A 437 -28.82 14.49 30.87
C GLY A 437 -28.14 15.84 30.79
N GLN A 438 -27.27 16.16 31.76
CA GLN A 438 -26.52 17.41 31.69
C GLN A 438 -25.65 17.45 30.45
N ILE A 439 -24.91 16.36 30.19
CA ILE A 439 -24.19 16.17 28.93
C ILE A 439 -24.91 15.06 28.18
N ARG A 440 -25.60 15.43 27.09
CA ARG A 440 -26.38 14.42 26.38
C ARG A 440 -25.53 13.50 25.51
N GLY A 441 -24.34 13.94 25.10
CA GLY A 441 -23.49 13.08 24.29
C GLY A 441 -22.15 13.75 24.04
N PHE A 442 -21.32 13.04 23.28
CA PHE A 442 -20.00 13.52 22.90
C PHE A 442 -19.84 13.40 21.40
N VAL A 443 -19.19 14.38 20.80
CA VAL A 443 -18.83 14.34 19.38
C VAL A 443 -17.37 14.74 19.24
N GLY A 444 -16.59 13.89 18.57
CA GLY A 444 -15.24 14.23 18.21
C GLY A 444 -15.19 14.88 16.85
N ILE A 445 -14.72 16.12 16.77
CA ILE A 445 -14.56 16.83 15.50
C ILE A 445 -13.09 16.76 15.13
N VAL A 446 -12.79 16.10 14.00
CA VAL A 446 -11.43 15.68 13.70
C VAL A 446 -10.99 16.17 12.31
N GLY A 447 -11.74 17.10 11.74
CA GLY A 447 -11.56 17.49 10.36
C GLY A 447 -10.31 18.28 10.06
N CYS A 448 -10.12 18.56 8.77
CA CYS A 448 -9.05 19.42 8.29
C CYS A 448 -9.59 20.75 7.79
N ASN A 449 -9.00 21.26 6.71
CA ASN A 449 -9.57 22.33 5.92
C ASN A 449 -9.63 21.87 4.47
N ASN A 450 -10.54 22.46 3.70
CA ASN A 450 -10.66 22.10 2.29
C ASN A 450 -11.07 23.32 1.49
N PRO A 451 -10.31 23.69 0.45
CA PRO A 451 -10.64 24.90 -0.32
C PRO A 451 -12.04 24.90 -0.92
N LYS A 452 -12.67 23.73 -1.06
CA LYS A 452 -14.05 23.67 -1.53
C LYS A 452 -15.03 24.28 -0.53
N ILE A 453 -14.63 24.43 0.72
CA ILE A 453 -15.48 24.99 1.77
C ILE A 453 -14.79 26.21 2.37
N ARG A 454 -15.56 27.29 2.56
CA ARG A 454 -15.05 28.48 3.24
C ARG A 454 -14.41 28.08 4.57
N GLN A 455 -13.16 28.48 4.76
CA GLN A 455 -12.32 27.94 5.83
C GLN A 455 -12.97 28.09 7.20
N ASP A 456 -13.18 26.95 7.86
CA ASP A 456 -13.65 26.85 9.25
C ASP A 456 -15.08 27.35 9.45
N SER A 457 -15.81 27.65 8.38
CA SER A 457 -17.22 27.99 8.55
C SER A 457 -18.01 26.81 9.07
N ALA A 458 -17.75 25.62 8.54
CA ALA A 458 -18.46 24.42 8.99
C ALA A 458 -17.96 23.95 10.35
N ASN A 459 -16.65 24.02 10.58
CA ASN A 459 -16.10 23.57 11.86
C ASN A 459 -16.67 24.37 13.01
N VAL A 460 -16.65 25.70 12.90
CA VAL A 460 -17.07 26.55 14.01
C VAL A 460 -18.57 26.48 14.21
N THR A 461 -19.35 26.49 13.12
CA THR A 461 -20.80 26.38 13.25
C THR A 461 -21.19 25.09 13.93
N LEU A 462 -20.65 23.96 13.46
CA LEU A 462 -20.99 22.66 14.04
C LEU A 462 -20.59 22.59 15.51
N THR A 463 -19.43 23.14 15.86
CA THR A 463 -19.02 23.16 17.25
C THR A 463 -19.99 23.98 18.09
N ARG A 464 -20.41 25.16 17.56
CA ARG A 464 -21.38 25.98 18.27
C ARG A 464 -22.70 25.24 18.42
N GLU A 465 -23.17 24.61 17.34
CA GLU A 465 -24.44 23.91 17.37
C GLU A 465 -24.44 22.77 18.38
N LEU A 466 -23.33 22.03 18.48
CA LEU A 466 -23.32 20.85 19.34
C LEU A 466 -23.30 21.23 20.81
N ILE A 467 -22.45 22.19 21.19
CA ILE A 467 -22.39 22.57 22.61
C ILE A 467 -23.68 23.25 23.04
N ARG A 468 -24.38 23.93 22.13
CA ARG A 468 -25.69 24.49 22.46
C ARG A 468 -26.66 23.40 22.90
N ARG A 469 -26.59 22.24 22.25
CA ARG A 469 -27.48 21.13 22.54
C ARG A 469 -26.94 20.21 23.64
N ASP A 470 -26.06 20.73 24.50
CA ASP A 470 -25.51 19.99 25.63
C ASP A 470 -24.70 18.77 25.18
N ILE A 471 -24.13 18.84 23.99
CA ILE A 471 -23.25 17.80 23.46
C ILE A 471 -21.82 18.31 23.56
N MET A 472 -21.01 17.63 24.37
CA MET A 472 -19.61 18.03 24.50
C MET A 472 -18.83 17.70 23.24
N VAL A 473 -17.87 18.55 22.91
CA VAL A 473 -17.08 18.42 21.69
C VAL A 473 -15.64 18.09 22.06
N LEU A 474 -15.10 17.02 21.46
CA LEU A 474 -13.70 16.67 21.58
C LEU A 474 -13.00 17.04 20.27
N ALA A 475 -12.00 17.91 20.35
CA ALA A 475 -11.39 18.51 19.18
C ALA A 475 -9.96 17.97 18.99
N THR A 476 -9.66 17.55 17.76
CA THR A 476 -8.31 17.17 17.37
C THR A 476 -8.01 17.76 16.00
N GLY A 477 -6.71 17.87 15.69
CA GLY A 477 -6.30 18.28 14.36
C GLY A 477 -6.56 19.74 14.08
N CYS A 478 -7.08 20.02 12.87
CA CYS A 478 -7.28 21.39 12.42
C CYS A 478 -8.34 22.11 13.23
N VAL A 479 -9.35 21.40 13.72
CA VAL A 479 -10.43 22.01 14.48
C VAL A 479 -9.91 22.72 15.72
N THR A 480 -8.74 22.33 16.22
CA THR A 480 -8.15 23.02 17.36
C THR A 480 -7.98 24.50 17.08
N THR A 481 -7.41 24.84 15.93
CA THR A 481 -7.28 26.24 15.55
C THR A 481 -8.64 26.89 15.29
N ALA A 482 -9.54 26.16 14.63
CA ALA A 482 -10.87 26.69 14.34
C ALA A 482 -11.64 27.01 15.62
N ALA A 483 -11.73 26.03 16.53
CA ALA A 483 -12.45 26.26 17.78
C ALA A 483 -11.75 27.31 18.63
N GLY A 484 -10.42 27.29 18.65
CA GLY A 484 -9.69 28.24 19.48
C GLY A 484 -9.85 29.68 19.02
N LYS A 485 -9.80 29.91 17.72
CA LYS A 485 -9.92 31.26 17.19
C LYS A 485 -11.28 31.88 17.54
N ALA A 486 -12.33 31.06 17.61
CA ALA A 486 -13.66 31.50 17.99
C ALA A 486 -13.87 31.55 19.50
N GLY A 487 -12.83 31.29 20.29
CA GLY A 487 -12.94 31.43 21.73
C GLY A 487 -13.69 30.32 22.44
N LEU A 488 -13.72 29.12 21.87
CA LEU A 488 -14.46 28.01 22.46
C LEU A 488 -13.57 27.04 23.24
N LEU A 489 -12.26 27.26 23.26
CA LEU A 489 -11.33 26.38 23.95
C LEU A 489 -10.94 26.90 25.33
N VAL A 490 -11.79 27.71 25.95
CA VAL A 490 -11.47 28.29 27.25
C VAL A 490 -12.60 27.99 28.22
N PRO A 491 -12.34 27.93 29.53
CA PRO A 491 -13.41 27.65 30.49
C PRO A 491 -14.56 28.66 30.42
N GLU A 492 -14.26 29.92 30.08
CA GLU A 492 -15.30 30.94 29.99
C GLU A 492 -16.28 30.68 28.85
N ALA A 493 -15.95 29.78 27.92
CA ALA A 493 -16.85 29.46 26.81
C ALA A 493 -18.02 28.58 27.23
N ALA A 494 -18.11 28.20 28.51
CA ALA A 494 -19.31 27.52 28.98
C ALA A 494 -20.55 28.36 28.78
N SER A 495 -20.40 29.69 28.73
CA SER A 495 -21.52 30.58 28.52
C SER A 495 -22.17 30.38 27.15
N LYS A 496 -21.43 29.84 26.19
CA LYS A 496 -21.97 29.59 24.86
C LYS A 496 -22.53 28.18 24.70
N ALA A 497 -22.46 27.36 25.75
CA ALA A 497 -23.04 26.02 25.75
C ALA A 497 -24.43 26.02 26.37
N GLY A 498 -25.07 24.87 26.30
CA GLY A 498 -26.37 24.68 26.93
C GLY A 498 -26.28 24.72 28.45
N GLU A 499 -27.46 24.66 29.08
CA GLU A 499 -27.52 24.78 30.53
C GLU A 499 -26.82 23.63 31.22
N GLY A 500 -27.04 22.40 30.74
CA GLY A 500 -26.42 21.24 31.38
C GLY A 500 -24.91 21.17 31.17
N LEU A 501 -24.46 21.40 29.94
CA LEU A 501 -23.03 21.35 29.65
C LEU A 501 -22.27 22.47 30.34
N ALA A 502 -22.85 23.67 30.38
CA ALA A 502 -22.20 24.78 31.07
C ALA A 502 -22.01 24.48 32.55
N ALA A 503 -22.99 23.81 33.17
CA ALA A 503 -22.88 23.47 34.58
C ALA A 503 -21.74 22.49 34.82
N VAL A 504 -21.65 21.45 34.00
CA VAL A 504 -20.59 20.45 34.17
C VAL A 504 -19.22 21.07 33.90
N CYS A 505 -19.12 21.91 32.87
CA CYS A 505 -17.85 22.56 32.56
C CYS A 505 -17.40 23.46 33.71
N ARG A 506 -18.31 24.28 34.23
CA ARG A 506 -17.97 25.15 35.34
C ARG A 506 -17.67 24.34 36.61
N SER A 507 -18.34 23.20 36.78
CA SER A 507 -18.10 22.37 37.95
C SER A 507 -16.67 21.82 37.95
N LEU A 508 -16.15 21.48 36.77
CA LEU A 508 -14.80 20.95 36.61
C LEU A 508 -13.78 22.00 36.22
N GLY A 509 -14.22 23.19 35.80
CA GLY A 509 -13.30 24.21 35.34
C GLY A 509 -12.65 23.88 34.01
N VAL A 510 -13.42 23.39 33.05
CA VAL A 510 -12.90 22.99 31.75
C VAL A 510 -13.73 23.68 30.66
N PRO A 511 -13.19 23.80 29.46
CA PRO A 511 -13.96 24.35 28.33
C PRO A 511 -15.04 23.39 27.88
N PRO A 512 -16.05 23.87 27.14
CA PRO A 512 -17.01 22.96 26.52
C PRO A 512 -16.44 22.22 25.31
N VAL A 513 -15.24 22.59 24.86
CA VAL A 513 -14.54 21.91 23.78
C VAL A 513 -13.19 21.48 24.31
N LEU A 514 -12.98 20.17 24.37
CA LEU A 514 -11.75 19.61 24.92
C LEU A 514 -10.79 19.32 23.78
N HIS A 515 -9.59 19.92 23.85
CA HIS A 515 -8.56 19.67 22.85
C HIS A 515 -7.79 18.42 23.26
N MET A 516 -7.90 17.36 22.45
CA MET A 516 -7.32 16.08 22.80
C MET A 516 -6.10 15.73 21.94
N GLY A 517 -5.64 16.62 21.07
CA GLY A 517 -4.36 16.45 20.41
C GLY A 517 -4.36 16.48 18.91
N SER A 518 -3.44 15.74 18.30
CA SER A 518 -3.20 15.75 16.86
C SER A 518 -4.08 14.70 16.18
N CYS A 519 -3.77 14.37 14.92
N CYS A 519 -3.77 14.36 14.92
CA CYS A 519 -4.56 13.39 14.18
CA CYS A 519 -4.57 13.39 14.19
C CYS A 519 -4.38 11.99 14.76
C CYS A 519 -4.38 11.98 14.75
N VAL A 520 -3.16 11.63 15.15
CA VAL A 520 -2.96 10.33 15.77
C VAL A 520 -3.61 10.28 17.14
N ASP A 521 -3.81 11.43 17.78
CA ASP A 521 -4.47 11.47 19.09
C ASP A 521 -5.97 11.21 19.02
N ASN A 522 -6.53 10.97 17.84
CA ASN A 522 -7.88 10.42 17.80
C ASN A 522 -7.94 9.04 18.43
N SER A 523 -6.79 8.37 18.57
CA SER A 523 -6.73 7.15 19.34
C SER A 523 -7.11 7.39 20.80
N ARG A 524 -6.91 8.62 21.30
CA ARG A 524 -7.40 8.94 22.64
C ARG A 524 -8.92 8.84 22.70
N ILE A 525 -9.60 9.23 21.63
CA ILE A 525 -11.06 9.14 21.59
C ILE A 525 -11.50 7.67 21.55
N LEU A 526 -10.80 6.84 20.80
CA LEU A 526 -11.08 5.40 20.82
C LEU A 526 -10.86 4.82 22.21
N GLN A 527 -9.78 5.22 22.89
CA GLN A 527 -9.53 4.71 24.23
C GLN A 527 -10.60 5.15 25.20
N LEU A 528 -11.02 6.42 25.10
CA LEU A 528 -12.04 6.94 26.02
C LEU A 528 -13.37 6.25 25.80
N CYS A 529 -13.78 6.09 24.54
CA CYS A 529 -15.01 5.36 24.25
C CYS A 529 -14.92 3.93 24.75
N ALA A 530 -13.79 3.26 24.53
CA ALA A 530 -13.62 1.88 24.98
C ALA A 530 -13.68 1.78 26.50
N LEU A 531 -13.18 2.79 27.21
CA LEU A 531 -13.26 2.78 28.67
C LEU A 531 -14.70 2.92 29.14
N LEU A 532 -15.46 3.82 28.52
CA LEU A 532 -16.85 4.02 28.94
C LEU A 532 -17.70 2.81 28.62
N ALA A 533 -17.52 2.23 27.43
CA ALA A 533 -18.30 1.05 27.06
C ALA A 533 -17.96 -0.13 27.96
N THR A 534 -16.69 -0.26 28.35
CA THR A 534 -16.30 -1.35 29.24
C THR A 534 -16.92 -1.17 30.63
N THR A 535 -16.86 0.04 31.18
CA THR A 535 -17.42 0.28 32.50
C THR A 535 -18.92 0.03 32.53
N LEU A 536 -19.64 0.47 31.50
CA LEU A 536 -21.08 0.27 31.45
C LEU A 536 -21.47 -1.15 31.04
N GLY A 537 -20.52 -1.95 30.57
CA GLY A 537 -20.85 -3.28 30.10
C GLY A 537 -21.60 -3.32 28.79
N VAL A 538 -21.39 -2.33 27.93
CA VAL A 538 -22.06 -2.26 26.64
C VAL A 538 -21.01 -2.13 25.54
N ASP A 539 -21.49 -2.06 24.30
CA ASP A 539 -20.64 -1.86 23.14
C ASP A 539 -20.43 -0.37 22.89
N ILE A 540 -19.37 -0.05 22.15
CA ILE A 540 -19.17 1.33 21.73
C ILE A 540 -20.35 1.80 20.90
N SER A 541 -20.99 0.90 20.15
CA SER A 541 -22.17 1.24 19.37
C SER A 541 -23.39 1.53 20.22
N ASP A 542 -23.29 1.38 21.55
CA ASP A 542 -24.36 1.73 22.46
C ASP A 542 -24.15 3.08 23.14
N LEU A 543 -22.95 3.67 22.99
CA LEU A 543 -22.63 4.92 23.68
C LEU A 543 -23.18 6.12 22.90
N PRO A 544 -23.68 7.15 23.59
CA PRO A 544 -24.12 8.36 22.90
C PRO A 544 -22.95 9.19 22.39
N VAL A 545 -22.29 8.71 21.32
CA VAL A 545 -21.10 9.37 20.80
C VAL A 545 -21.25 9.58 19.31
N GLY A 546 -20.41 10.46 18.78
CA GLY A 546 -20.41 10.73 17.35
C GLY A 546 -19.08 11.30 16.92
N ALA A 547 -18.86 11.29 15.61
CA ALA A 547 -17.63 11.85 15.05
C ALA A 547 -17.98 12.62 13.79
N SER A 548 -17.20 13.66 13.53
CA SER A 548 -17.49 14.53 12.40
C SER A 548 -16.19 15.05 11.80
N SER A 549 -16.16 15.12 10.48
CA SER A 549 -15.05 15.70 9.73
C SER A 549 -15.65 16.65 8.70
N PRO A 550 -16.07 17.85 9.12
CA PRO A 550 -16.84 18.71 8.21
C PRO A 550 -16.02 19.27 7.04
N GLU A 551 -14.71 19.38 7.16
CA GLU A 551 -13.89 20.03 6.15
C GLU A 551 -12.65 19.20 5.83
N TRP A 552 -12.80 17.89 5.72
CA TRP A 552 -11.69 16.98 5.51
C TRP A 552 -11.23 17.00 4.06
N TYR A 553 -10.00 16.53 3.84
CA TYR A 553 -9.47 16.39 2.49
C TYR A 553 -8.57 15.16 2.29
N SER A 554 -7.87 14.68 3.32
CA SER A 554 -6.76 13.77 3.12
C SER A 554 -7.17 12.31 3.22
N GLU A 555 -6.23 11.43 2.84
CA GLU A 555 -6.40 10.00 3.04
C GLU A 555 -6.40 9.64 4.53
N LYS A 556 -5.63 10.37 5.34
CA LYS A 556 -5.58 10.08 6.77
C LYS A 556 -6.90 10.39 7.45
N ALA A 557 -7.61 11.42 6.97
CA ALA A 557 -8.91 11.73 7.54
C ALA A 557 -9.92 10.64 7.24
N ALA A 558 -9.89 10.08 6.03
CA ALA A 558 -10.83 9.01 5.68
C ALA A 558 -10.54 7.74 6.48
N ALA A 559 -9.26 7.43 6.71
CA ALA A 559 -8.92 6.27 7.53
C ALA A 559 -9.41 6.47 8.96
N ILE A 560 -9.32 7.70 9.47
CA ILE A 560 -9.85 8.01 10.80
C ILE A 560 -11.36 7.85 10.80
N ALA A 561 -12.02 8.39 9.78
CA ALA A 561 -13.47 8.23 9.69
C ALA A 561 -13.88 6.76 9.58
N MET A 562 -13.07 5.95 8.89
CA MET A 562 -13.44 4.56 8.67
C MET A 562 -13.29 3.73 9.95
N TYR A 563 -12.22 3.94 10.72
CA TYR A 563 -12.09 3.14 11.93
C TYR A 563 -12.99 3.63 13.06
N ALA A 564 -13.47 4.87 12.98
CA ALA A 564 -14.50 5.30 13.92
C ALA A 564 -15.81 4.58 13.65
N VAL A 565 -16.23 4.52 12.38
CA VAL A 565 -17.46 3.80 12.03
C VAL A 565 -17.33 2.33 12.43
N ALA A 566 -16.24 1.69 12.02
CA ALA A 566 -16.05 0.26 12.30
C ALA A 566 -15.94 -0.02 13.79
N SER A 567 -15.70 1.00 14.61
CA SER A 567 -15.67 0.81 16.05
C SER A 567 -17.03 1.11 16.69
N GLY A 568 -18.02 1.49 15.91
CA GLY A 568 -19.34 1.79 16.42
C GLY A 568 -19.63 3.26 16.65
N ILE A 569 -18.88 4.16 16.03
CA ILE A 569 -19.03 5.59 16.21
C ILE A 569 -19.63 6.17 14.94
N PRO A 570 -20.85 6.71 14.97
CA PRO A 570 -21.43 7.31 13.76
C PRO A 570 -20.63 8.53 13.33
N THR A 571 -20.16 8.51 12.08
CA THR A 571 -19.19 9.50 11.61
C THR A 571 -19.79 10.33 10.48
N HIS A 572 -19.79 11.64 10.66
CA HIS A 572 -20.26 12.58 9.65
C HIS A 572 -19.11 13.14 8.83
N LEU A 573 -19.31 13.23 7.52
CA LEU A 573 -18.35 13.85 6.61
C LEU A 573 -19.01 15.02 5.90
N GLY A 574 -18.30 16.15 5.83
CA GLY A 574 -18.83 17.31 5.14
C GLY A 574 -18.93 17.10 3.63
N LEU A 575 -17.91 16.49 3.04
CA LEU A 575 -17.87 16.18 1.62
C LEU A 575 -17.81 14.67 1.43
N PRO A 576 -18.34 14.14 0.35
CA PRO A 576 -18.33 12.69 0.13
C PRO A 576 -16.97 12.23 -0.38
N PRO A 577 -16.56 11.01 -0.04
CA PRO A 577 -15.38 10.43 -0.69
C PRO A 577 -15.70 10.06 -2.14
N ASN A 578 -14.65 9.80 -2.90
CA ASN A 578 -14.79 9.49 -4.32
C ASN A 578 -15.45 8.14 -4.54
N ILE A 579 -16.72 8.01 -4.14
CA ILE A 579 -17.44 6.74 -4.18
C ILE A 579 -18.82 6.85 -4.78
N LEU A 580 -19.26 8.05 -5.18
CA LEU A 580 -20.64 8.21 -5.63
C LEU A 580 -20.90 7.55 -6.97
N GLY A 581 -19.87 7.12 -7.70
CA GLY A 581 -20.06 6.41 -8.96
C GLY A 581 -20.67 5.03 -8.81
N SER A 582 -20.71 4.49 -7.59
CA SER A 582 -21.31 3.19 -7.31
C SER A 582 -22.44 3.38 -6.31
N GLU A 583 -23.65 2.97 -6.71
CA GLU A 583 -24.77 3.04 -5.78
C GLU A 583 -24.64 2.02 -4.66
N ASN A 584 -24.11 0.83 -4.97
CA ASN A 584 -23.97 -0.21 -3.94
C ASN A 584 -22.94 0.18 -2.89
N VAL A 585 -21.76 0.63 -3.32
CA VAL A 585 -20.74 1.05 -2.36
C VAL A 585 -21.25 2.22 -1.52
N THR A 586 -21.95 3.16 -2.16
CA THR A 586 -22.48 4.32 -1.43
C THR A 586 -23.52 3.89 -0.41
N ALA A 587 -24.42 2.99 -0.80
CA ALA A 587 -25.43 2.51 0.15
C ALA A 587 -24.77 1.78 1.32
N MET A 588 -23.76 0.96 1.03
CA MET A 588 -23.07 0.23 2.10
C MET A 588 -22.43 1.19 3.10
N ALA A 589 -21.80 2.25 2.62
CA ALA A 589 -21.15 3.20 3.53
C ALA A 589 -22.18 3.99 4.35
N LEU A 590 -23.31 4.35 3.74
CA LEU A 590 -24.30 5.18 4.42
C LEU A 590 -25.32 4.38 5.22
N HIS A 591 -25.60 3.14 4.81
CA HIS A 591 -26.67 2.40 5.45
C HIS A 591 -26.25 0.98 5.79
N GLY A 592 -25.67 0.27 4.83
CA GLY A 592 -25.34 -1.13 5.03
C GLY A 592 -24.42 -1.37 6.20
N LEU A 593 -23.49 -0.45 6.44
CA LEU A 593 -22.54 -0.64 7.54
C LEU A 593 -23.24 -0.59 8.90
N GLN A 594 -24.38 0.09 8.99
CA GLN A 594 -25.12 0.11 10.24
C GLN A 594 -25.57 -1.28 10.65
N ASP A 595 -25.93 -2.12 9.67
CA ASP A 595 -26.36 -3.48 9.97
C ASP A 595 -25.21 -4.37 10.40
N VAL A 596 -23.97 -3.98 10.09
CA VAL A 596 -22.80 -4.82 10.29
C VAL A 596 -22.01 -4.41 11.53
N VAL A 597 -21.60 -3.15 11.61
CA VAL A 597 -20.75 -2.69 12.70
C VAL A 597 -21.45 -1.77 13.68
N GLY A 598 -22.70 -1.39 13.42
CA GLY A 598 -23.45 -0.58 14.36
C GLY A 598 -23.32 0.91 14.18
N ALA A 599 -22.62 1.35 13.14
CA ALA A 599 -22.50 2.77 12.80
C ALA A 599 -22.36 2.87 11.30
N ALA A 600 -22.41 4.10 10.78
CA ALA A 600 -22.29 4.31 9.35
C ALA A 600 -21.77 5.72 9.07
N PHE A 601 -21.43 5.97 7.82
CA PHE A 601 -21.03 7.30 7.37
C PHE A 601 -22.25 8.19 7.16
N MET A 602 -22.05 9.49 7.34
CA MET A 602 -23.04 10.51 7.04
C MET A 602 -22.37 11.61 6.24
N VAL A 603 -22.94 11.93 5.07
CA VAL A 603 -22.38 12.96 4.19
C VAL A 603 -23.38 14.11 4.14
N GLU A 604 -23.02 15.23 4.75
CA GLU A 604 -23.91 16.38 4.85
C GLU A 604 -23.10 17.68 4.85
N PRO A 605 -23.23 18.52 3.81
CA PRO A 605 -22.49 19.78 3.77
C PRO A 605 -23.08 20.88 4.63
N ASP A 606 -24.32 20.76 5.11
CA ASP A 606 -24.91 21.76 5.98
C ASP A 606 -24.52 21.45 7.42
N PRO A 607 -23.72 22.30 8.08
CA PRO A 607 -23.28 21.98 9.45
C PRO A 607 -24.42 21.89 10.45
N VAL A 608 -25.52 22.62 10.23
CA VAL A 608 -26.64 22.55 11.16
C VAL A 608 -27.42 21.26 10.96
N LYS A 609 -27.62 20.84 9.70
CA LYS A 609 -28.23 19.54 9.46
C LYS A 609 -27.34 18.41 9.97
N ALA A 610 -26.02 18.60 9.92
CA ALA A 610 -25.11 17.59 10.46
C ALA A 610 -25.24 17.48 11.97
N ALA A 611 -25.38 18.60 12.67
CA ALA A 611 -25.67 18.55 14.09
C ALA A 611 -27.00 17.86 14.36
N ASP A 612 -27.98 18.04 13.46
CA ASP A 612 -29.27 17.36 13.64
C ASP A 612 -29.12 15.86 13.53
N MET A 613 -28.30 15.39 12.58
CA MET A 613 -28.09 13.95 12.41
C MET A 613 -27.29 13.38 13.57
N LEU A 614 -26.19 14.05 13.94
CA LEU A 614 -25.38 13.59 15.06
C LEU A 614 -26.18 13.58 16.35
N GLU A 615 -27.01 14.61 16.56
CA GLU A 615 -27.86 14.65 17.74
C GLU A 615 -28.95 13.58 17.68
N ALA A 616 -29.43 13.24 16.49
CA ALA A 616 -30.44 12.20 16.37
C ALA A 616 -29.88 10.85 16.80
N HIS A 617 -28.69 10.50 16.32
CA HIS A 617 -28.08 9.23 16.71
C HIS A 617 -27.78 9.21 18.20
N ILE A 618 -27.32 10.34 18.75
CA ILE A 618 -27.06 10.42 20.19
C ILE A 618 -28.35 10.19 20.97
N VAL A 619 -29.46 10.77 20.51
CA VAL A 619 -30.73 10.59 21.20
C VAL A 619 -31.19 9.13 21.11
N ALA A 620 -31.09 8.53 19.92
CA ALA A 620 -31.51 7.14 19.77
C ALA A 620 -30.71 6.21 20.67
N ARG A 621 -29.43 6.51 20.87
CA ARG A 621 -28.60 5.68 21.73
C ARG A 621 -28.87 5.93 23.20
N ARG A 622 -29.28 7.16 23.57
CA ARG A 622 -29.74 7.41 24.93
C ARG A 622 -30.98 6.60 25.24
N ALA A 623 -31.87 6.46 24.26
CA ALA A 623 -33.08 5.66 24.45
C ALA A 623 -32.73 4.20 24.67
N ARG A 624 -31.79 3.67 23.89
CA ARG A 624 -31.42 2.26 24.02
C ARG A 624 -30.73 1.98 25.34
N LEU A 625 -30.12 2.99 25.95
CA LEU A 625 -29.62 2.85 27.32
C LEU A 625 -30.72 3.06 28.36
N GLY A 626 -31.94 3.32 27.91
CA GLY A 626 -33.04 3.60 28.83
C GLY A 626 -32.91 4.94 29.53
N LEU A 627 -32.48 5.96 28.81
CA LEU A 627 -32.29 7.30 29.35
C LEU A 627 -33.21 8.28 28.62
N THR A 628 -33.41 9.43 29.24
CA THR A 628 -34.14 10.53 28.61
C THR A 628 -33.18 11.38 27.78
N SER A 629 -33.59 11.72 26.57
CA SER A 629 -32.76 12.51 25.64
C SER A 629 -32.15 13.76 26.31
N SER B 4 -13.36 -13.49 -40.77
CA SER B 4 -13.25 -12.20 -40.10
C SER B 4 -11.79 -11.77 -39.96
N LYS B 5 -11.47 -10.59 -40.49
CA LYS B 5 -10.11 -10.07 -40.39
C LYS B 5 -9.81 -9.47 -39.03
N THR B 6 -10.84 -9.06 -38.29
CA THR B 6 -10.61 -8.55 -36.94
C THR B 6 -10.18 -9.66 -35.99
N ILE B 7 -10.75 -10.85 -36.14
CA ILE B 7 -10.41 -11.97 -35.25
C ILE B 7 -8.98 -12.42 -35.47
N ARG B 8 -8.53 -12.47 -36.73
CA ARG B 8 -7.17 -12.93 -37.03
C ARG B 8 -6.11 -11.96 -36.51
N SER B 9 -6.49 -10.70 -36.25
CA SER B 9 -5.54 -9.67 -35.82
C SER B 9 -5.34 -9.65 -34.32
N ARG B 10 -6.11 -10.42 -33.55
CA ARG B 10 -6.06 -10.37 -32.10
C ARG B 10 -5.18 -11.46 -31.49
N SER B 11 -4.81 -12.47 -32.26
CA SER B 11 -3.90 -13.51 -31.78
C SER B 11 -3.19 -14.12 -32.98
N ILE B 12 -2.16 -14.91 -32.70
CA ILE B 12 -1.44 -15.65 -33.72
C ILE B 12 -1.72 -17.15 -33.64
N TRP B 13 -2.70 -17.56 -32.84
CA TRP B 13 -2.95 -18.97 -32.54
C TRP B 13 -4.31 -19.40 -33.06
N ASP B 14 -4.34 -20.57 -33.70
CA ASP B 14 -5.59 -21.09 -34.25
C ASP B 14 -6.58 -21.44 -33.15
N ASP B 15 -6.10 -21.96 -32.02
CA ASP B 15 -7.01 -22.28 -30.93
C ASP B 15 -7.62 -21.03 -30.32
N ALA B 16 -7.00 -19.87 -30.52
CA ALA B 16 -7.62 -18.63 -30.08
C ALA B 16 -8.59 -18.10 -31.13
N HIS B 17 -8.21 -18.17 -32.41
CA HIS B 17 -9.14 -17.77 -33.47
C HIS B 17 -10.41 -18.61 -33.45
N ALA B 18 -10.26 -19.92 -33.25
CA ALA B 18 -11.41 -20.82 -33.29
C ALA B 18 -12.42 -20.50 -32.20
N MET B 19 -11.95 -20.05 -31.04
CA MET B 19 -12.86 -19.69 -29.95
C MET B 19 -13.38 -18.26 -30.06
N LEU B 20 -12.66 -17.37 -30.75
CA LEU B 20 -13.18 -16.04 -31.03
C LEU B 20 -14.31 -16.08 -32.05
N GLU B 21 -14.28 -17.04 -32.99
CA GLU B 21 -15.42 -17.27 -33.85
C GLU B 21 -16.59 -17.83 -33.04
N LYS B 22 -16.32 -18.81 -32.18
CA LYS B 22 -17.36 -19.40 -31.34
C LYS B 22 -17.97 -18.36 -30.42
N ALA B 23 -17.15 -17.51 -29.80
CA ALA B 23 -17.68 -16.50 -28.90
C ALA B 23 -18.51 -15.47 -29.65
N LYS B 24 -18.08 -15.08 -30.86
CA LYS B 24 -18.88 -14.17 -31.67
C LYS B 24 -20.19 -14.81 -32.11
N ALA B 25 -20.15 -16.11 -32.43
CA ALA B 25 -21.37 -16.79 -32.85
C ALA B 25 -22.41 -16.83 -31.74
N GLU B 26 -21.96 -16.92 -30.48
CA GLU B 26 -22.86 -17.08 -29.35
C GLU B 26 -23.12 -15.76 -28.62
N GLY B 27 -22.65 -14.64 -29.17
CA GLY B 27 -22.90 -13.36 -28.53
C GLY B 27 -22.15 -13.13 -27.25
N ILE B 28 -21.01 -13.78 -27.07
CA ILE B 28 -20.19 -13.63 -25.87
C ILE B 28 -19.11 -12.58 -26.13
N SER B 29 -19.03 -11.59 -25.25
CA SER B 29 -18.03 -10.54 -25.37
C SER B 29 -16.78 -10.94 -24.59
N THR B 30 -15.61 -10.78 -25.22
CA THR B 30 -14.35 -11.19 -24.64
C THR B 30 -13.60 -9.97 -24.10
N VAL B 31 -12.31 -10.16 -23.82
CA VAL B 31 -11.49 -9.07 -23.29
C VAL B 31 -11.13 -8.09 -24.39
N TRP B 32 -11.05 -8.56 -25.63
CA TRP B 32 -10.76 -7.65 -26.73
C TRP B 32 -11.92 -6.73 -27.03
N ASP B 33 -13.16 -7.19 -26.80
CA ASP B 33 -14.32 -6.36 -27.05
C ASP B 33 -14.42 -5.26 -26.01
N ARG B 34 -14.12 -5.57 -24.75
CA ARG B 34 -14.13 -4.55 -23.70
C ARG B 34 -12.96 -3.59 -23.87
N ALA B 35 -11.82 -4.07 -24.36
CA ALA B 35 -10.69 -3.19 -24.63
C ALA B 35 -11.00 -2.22 -25.76
N ALA B 36 -11.84 -2.64 -26.71
CA ALA B 36 -12.24 -1.74 -27.79
C ALA B 36 -13.06 -0.57 -27.27
N GLU B 37 -13.83 -0.78 -26.20
CA GLU B 37 -14.66 0.29 -25.66
C GLU B 37 -13.87 1.25 -24.76
N GLN B 38 -12.73 0.82 -24.22
CA GLN B 38 -11.98 1.61 -23.25
C GLN B 38 -10.76 2.30 -23.86
N THR B 39 -10.80 2.58 -25.16
CA THR B 39 -9.64 3.23 -25.79
C THR B 39 -9.48 4.68 -25.32
N PRO B 40 -10.52 5.53 -25.31
CA PRO B 40 -10.30 6.86 -24.72
C PRO B 40 -10.29 6.84 -23.20
N LYS B 43 -6.83 9.00 -20.19
CA LYS B 43 -6.13 9.95 -21.05
C LYS B 43 -5.01 10.66 -20.28
N PHE B 44 -5.39 11.36 -19.21
CA PHE B 44 -4.39 11.91 -18.31
C PHE B 44 -3.78 10.81 -17.44
N GLY B 45 -4.61 9.85 -17.01
CA GLY B 45 -4.10 8.73 -16.25
C GLY B 45 -3.10 7.89 -17.02
N GLU B 46 -3.23 7.87 -18.36
CA GLU B 46 -2.27 7.14 -19.18
C GLU B 46 -0.93 7.85 -19.24
N LEU B 47 -0.92 9.19 -19.10
CA LEU B 47 0.32 9.92 -18.97
C LEU B 47 0.82 9.97 -17.53
N GLY B 48 -0.01 9.59 -16.56
CA GLY B 48 0.36 9.66 -15.16
C GLY B 48 0.19 11.02 -14.51
N THR B 49 -0.40 11.99 -15.22
CA THR B 49 -0.54 13.35 -14.72
C THR B 49 -1.91 13.61 -14.09
N CYS B 50 -2.65 12.55 -13.76
CA CYS B 50 -3.90 12.65 -13.00
C CYS B 50 -3.64 12.14 -11.59
N CYS B 51 -3.96 12.96 -10.60
CA CYS B 51 -3.72 12.60 -9.20
C CYS B 51 -5.04 12.55 -8.45
N ARG B 52 -5.25 11.46 -7.73
CA ARG B 52 -6.47 11.25 -6.95
C ARG B 52 -6.13 10.89 -5.51
N ASN B 53 -5.02 11.42 -4.98
CA ASN B 53 -4.56 11.04 -3.66
C ASN B 53 -5.26 11.80 -2.53
N CYS B 54 -6.18 12.71 -2.83
CA CYS B 54 -6.91 13.44 -1.79
C CYS B 54 -8.05 14.20 -2.46
N ILE B 55 -9.02 14.64 -1.65
CA ILE B 55 -10.22 15.28 -2.20
C ILE B 55 -10.07 16.77 -2.11
N MET B 56 -8.84 17.23 -2.04
CA MET B 56 -8.53 18.58 -2.43
C MET B 56 -8.45 18.72 -3.95
N GLY B 57 -8.34 17.61 -4.67
CA GLY B 57 -8.58 17.58 -6.09
C GLY B 57 -9.80 16.74 -6.43
N PRO B 58 -9.68 15.80 -7.39
CA PRO B 58 -8.47 15.39 -8.13
C PRO B 58 -7.87 16.49 -9.01
N CYS B 59 -6.61 16.32 -9.38
CA CYS B 59 -5.85 17.30 -10.15
C CYS B 59 -5.31 16.67 -11.41
N ARG B 60 -5.45 17.38 -12.53
CA ARG B 60 -4.79 17.03 -13.78
C ARG B 60 -3.75 18.09 -14.07
N ILE B 61 -2.55 17.66 -14.43
CA ILE B 61 -1.50 18.57 -14.86
C ILE B 61 -1.55 18.63 -16.39
N ALA B 62 -1.90 19.80 -16.92
CA ALA B 62 -2.01 20.01 -18.35
C ALA B 62 -1.02 21.10 -18.78
N ASN B 63 -0.91 21.29 -20.09
CA ASN B 63 -0.10 22.35 -20.66
C ASN B 63 -1.02 23.28 -21.45
N ARG B 64 -1.26 24.46 -20.89
CA ARG B 64 -2.11 25.47 -21.51
C ARG B 64 -1.34 26.77 -21.64
N LYS B 65 -1.63 27.51 -22.72
CA LYS B 65 -0.87 28.74 -22.99
C LYS B 65 -1.06 29.78 -21.90
N ASP B 66 -2.18 29.72 -21.17
CA ASP B 66 -2.41 30.64 -20.06
C ASP B 66 -1.63 30.26 -18.81
N GLY B 67 -0.89 29.14 -18.84
CA GLY B 67 -0.10 28.68 -17.73
C GLY B 67 -0.87 28.12 -16.54
N LYS B 68 -2.18 27.97 -16.65
CA LYS B 68 -2.97 27.41 -15.56
C LYS B 68 -2.91 25.89 -15.57
N MET B 69 -3.22 25.31 -14.41
CA MET B 69 -3.22 23.85 -14.21
C MET B 69 -1.83 23.24 -14.40
N ARG B 70 -0.81 23.99 -13.98
CA ARG B 70 0.57 23.49 -13.98
C ARG B 70 0.93 22.78 -12.68
N LEU B 71 0.21 23.05 -11.60
CA LEU B 71 0.46 22.43 -10.30
C LEU B 71 -0.85 21.91 -9.73
N GLY B 72 -0.74 20.90 -8.87
CA GLY B 72 -1.89 20.44 -8.12
C GLY B 72 -2.32 21.47 -7.09
N VAL B 73 -3.50 21.25 -6.52
CA VAL B 73 -4.02 22.19 -5.52
C VAL B 73 -3.04 22.32 -4.36
N CYS B 74 -2.44 21.21 -3.95
CA CYS B 74 -1.39 21.25 -2.93
C CYS B 74 -0.09 21.84 -3.44
N GLY B 75 0.08 21.99 -4.75
CA GLY B 75 1.28 22.55 -5.33
C GLY B 75 2.21 21.54 -5.99
N ALA B 76 1.82 20.26 -6.02
CA ALA B 76 2.67 19.25 -6.64
C ALA B 76 2.71 19.45 -8.16
N ASP B 77 3.88 19.21 -8.74
CA ASP B 77 4.06 19.32 -10.18
C ASP B 77 3.97 17.93 -10.82
N ALA B 78 4.21 17.90 -12.13
CA ALA B 78 4.04 16.65 -12.89
C ALA B 78 5.04 15.59 -12.46
N ASP B 79 6.27 15.99 -12.13
CA ASP B 79 7.29 15.03 -11.73
C ASP B 79 6.86 14.27 -10.47
N VAL B 80 6.36 14.99 -9.47
CA VAL B 80 5.96 14.33 -8.23
C VAL B 80 4.72 13.47 -8.45
N ILE B 81 3.74 13.98 -9.21
CA ILE B 81 2.51 13.23 -9.41
C ILE B 81 2.78 11.94 -10.17
N VAL B 82 3.57 12.03 -11.25
CA VAL B 82 3.88 10.83 -12.03
C VAL B 82 4.68 9.84 -11.19
N ALA B 83 5.64 10.34 -10.42
CA ALA B 83 6.45 9.45 -9.60
C ALA B 83 5.63 8.76 -8.52
N ARG B 84 4.69 9.49 -7.91
CA ARG B 84 3.87 8.89 -6.86
C ARG B 84 2.90 7.87 -7.43
N ASN B 85 2.31 8.16 -8.60
CA ASN B 85 1.47 7.17 -9.27
C ASN B 85 2.27 5.92 -9.59
N PHE B 86 3.47 6.09 -10.16
CA PHE B 86 4.30 4.96 -10.50
C PHE B 86 4.79 4.23 -9.25
N GLY B 87 5.06 4.97 -8.18
CA GLY B 87 5.43 4.34 -6.92
C GLY B 87 4.32 3.48 -6.37
N ARG B 88 3.09 4.00 -6.36
CA ARG B 88 1.95 3.19 -5.92
C ARG B 88 1.67 2.05 -6.89
N PHE B 89 1.97 2.23 -8.17
CA PHE B 89 1.83 1.15 -9.13
C PHE B 89 2.77 0.00 -8.77
N ILE B 90 4.02 0.32 -8.45
CA ILE B 90 5.00 -0.71 -8.08
C ILE B 90 4.61 -1.38 -6.78
N ALA B 91 4.16 -0.59 -5.79
CA ALA B 91 3.79 -1.16 -4.50
C ALA B 91 2.65 -2.16 -4.65
N GLY B 92 1.71 -1.88 -5.55
CA GLY B 92 0.65 -2.85 -5.81
C GLY B 92 1.18 -4.16 -6.32
N GLY B 93 2.19 -4.12 -7.19
CA GLY B 93 2.80 -5.34 -7.69
C GLY B 93 3.54 -6.10 -6.61
N ALA B 94 4.39 -5.39 -5.86
CA ALA B 94 5.10 -6.02 -4.75
C ALA B 94 4.13 -6.65 -3.75
N ALA B 95 2.97 -6.02 -3.54
CA ALA B 95 2.00 -6.54 -2.60
C ALA B 95 1.39 -7.85 -3.11
N GLY B 96 1.20 -7.97 -4.43
CA GLY B 96 0.72 -9.22 -4.97
C GLY B 96 1.63 -10.39 -4.65
N HIS B 97 2.93 -10.21 -4.87
CA HIS B 97 3.89 -11.25 -4.54
C HIS B 97 4.11 -11.36 -3.03
N SER B 98 4.00 -10.25 -2.31
CA SER B 98 4.24 -10.28 -0.86
C SER B 98 3.23 -11.16 -0.15
N ASP B 99 1.95 -11.03 -0.49
CA ASP B 99 0.95 -11.87 0.17
C ASP B 99 1.05 -13.32 -0.28
N HIS B 100 1.44 -13.55 -1.53
CA HIS B 100 1.64 -14.92 -2.00
C HIS B 100 2.76 -15.60 -1.21
N GLY B 101 3.87 -14.89 -1.00
CA GLY B 101 4.94 -15.45 -0.20
C GLY B 101 4.55 -15.67 1.25
N ARG B 102 3.78 -14.73 1.82
CA ARG B 102 3.36 -14.87 3.22
C ARG B 102 2.50 -16.12 3.42
N ASP B 103 1.65 -16.44 2.44
CA ASP B 103 0.83 -17.65 2.53
C ASP B 103 1.69 -18.90 2.50
N LEU B 104 2.74 -18.91 1.68
CA LEU B 104 3.65 -20.04 1.66
C LEU B 104 4.30 -20.25 3.02
N ILE B 105 4.61 -19.16 3.74
CA ILE B 105 5.14 -19.27 5.09
C ILE B 105 4.12 -19.90 6.02
N GLU B 106 2.86 -19.47 5.93
CA GLU B 106 1.82 -19.98 6.83
C GLU B 106 1.57 -21.46 6.60
N THR B 107 1.65 -21.90 5.34
CA THR B 107 1.49 -23.32 5.05
C THR B 107 2.62 -24.13 5.67
N LEU B 108 3.86 -23.67 5.49
CA LEU B 108 5.01 -24.39 6.05
C LEU B 108 4.94 -24.44 7.57
N GLU B 109 4.46 -23.36 8.19
CA GLU B 109 4.25 -23.38 9.64
C GLU B 109 3.19 -24.39 10.03
N ALA B 110 2.12 -24.51 9.23
CA ALA B 110 1.08 -25.50 9.50
C ALA B 110 1.63 -26.92 9.39
N VAL B 111 2.47 -27.18 8.38
CA VAL B 111 3.14 -28.47 8.29
C VAL B 111 4.02 -28.70 9.51
N ALA B 112 4.79 -27.68 9.89
CA ALA B 112 5.70 -27.82 11.03
C ALA B 112 4.93 -28.09 12.33
N GLU B 113 3.81 -27.38 12.52
CA GLU B 113 2.99 -27.63 13.71
C GLU B 113 2.22 -28.94 13.62
N GLY B 114 2.21 -29.58 12.47
CA GLY B 114 1.39 -30.78 12.31
C GLY B 114 -0.09 -30.50 12.15
N LYS B 115 -0.44 -29.35 11.58
CA LYS B 115 -1.82 -28.90 11.50
C LYS B 115 -2.23 -28.64 10.06
N ALA B 116 -1.73 -29.48 9.14
CA ALA B 116 -2.05 -29.38 7.72
C ALA B 116 -2.17 -30.78 7.15
N PRO B 117 -3.29 -31.45 7.38
CA PRO B 117 -3.46 -32.82 6.87
C PRO B 117 -3.35 -32.85 5.36
N GLY B 118 -2.57 -33.81 4.86
CA GLY B 118 -2.36 -33.95 3.43
C GLY B 118 -1.15 -33.22 2.88
N TYR B 119 -0.53 -32.33 3.65
CA TYR B 119 0.70 -31.65 3.26
C TYR B 119 1.89 -32.30 3.94
N THR B 120 3.05 -32.20 3.28
CA THR B 120 4.31 -32.70 3.82
C THR B 120 5.43 -31.77 3.40
N ILE B 121 6.64 -32.08 3.86
CA ILE B 121 7.86 -31.46 3.37
C ILE B 121 8.38 -32.39 2.28
N ARG B 122 8.03 -32.09 1.02
CA ARG B 122 8.40 -32.98 -0.07
C ARG B 122 9.90 -32.95 -0.35
N ASP B 123 10.56 -31.81 -0.17
CA ASP B 123 11.99 -31.67 -0.42
C ASP B 123 12.69 -31.31 0.88
N VAL B 124 12.97 -32.33 1.70
CA VAL B 124 13.65 -32.09 2.96
C VAL B 124 15.09 -31.65 2.73
N ALA B 125 15.71 -32.09 1.65
CA ALA B 125 17.09 -31.71 1.39
C ALA B 125 17.20 -30.23 1.10
N LYS B 126 16.23 -29.67 0.35
CA LYS B 126 16.24 -28.23 0.11
C LYS B 126 15.90 -27.44 1.38
N LEU B 127 15.01 -27.98 2.22
CA LEU B 127 14.69 -27.32 3.47
C LEU B 127 15.93 -27.13 4.33
N ARG B 128 16.72 -28.20 4.49
CA ARG B 128 17.93 -28.10 5.30
C ARG B 128 18.95 -27.16 4.67
N ARG B 129 19.04 -27.18 3.34
CA ARG B 129 19.98 -26.31 2.65
C ARG B 129 19.59 -24.83 2.79
N ILE B 130 18.32 -24.51 2.53
CA ILE B 130 17.85 -23.14 2.64
C ILE B 130 17.98 -22.65 4.08
N ALA B 131 17.61 -23.51 5.04
CA ALA B 131 17.71 -23.12 6.45
C ALA B 131 19.15 -22.86 6.87
N ALA B 132 20.08 -23.69 6.41
CA ALA B 132 21.49 -23.45 6.73
C ALA B 132 22.00 -22.16 6.09
N GLU B 133 21.57 -21.87 4.86
CA GLU B 133 21.98 -20.66 4.17
C GLU B 133 21.54 -19.41 4.93
N LEU B 134 20.36 -19.48 5.55
CA LEU B 134 19.79 -18.33 6.25
C LEU B 134 20.14 -18.30 7.73
N GLY B 135 20.93 -19.26 8.22
CA GLY B 135 21.48 -19.18 9.56
C GLY B 135 20.85 -20.08 10.60
N VAL B 136 20.03 -21.06 10.21
CA VAL B 136 19.43 -21.96 11.17
C VAL B 136 20.49 -22.89 11.73
N ALA B 137 20.61 -22.93 13.06
CA ALA B 137 21.60 -23.77 13.71
C ALA B 137 21.30 -25.24 13.46
N ASP B 138 22.33 -26.00 13.08
CA ASP B 138 22.24 -27.45 12.95
C ASP B 138 21.12 -27.87 11.99
N ALA B 139 20.97 -27.11 10.90
CA ALA B 139 19.93 -27.43 9.93
C ALA B 139 20.14 -28.79 9.27
N ALA B 140 21.36 -29.34 9.32
CA ALA B 140 21.65 -30.60 8.66
C ALA B 140 21.18 -31.81 9.47
N THR B 141 21.10 -31.68 10.80
CA THR B 141 20.91 -32.83 11.66
C THR B 141 19.67 -32.80 12.54
N ARG B 142 19.12 -31.63 12.86
CA ARG B 142 17.96 -31.55 13.73
C ARG B 142 16.72 -32.12 13.04
N PRO B 143 15.67 -32.42 13.81
CA PRO B 143 14.43 -32.91 13.19
C PRO B 143 13.88 -31.91 12.19
N ALA B 144 13.31 -32.44 11.09
CA ALA B 144 12.89 -31.58 9.98
C ALA B 144 11.88 -30.52 10.41
N HIS B 145 10.89 -30.90 11.23
CA HIS B 145 9.89 -29.92 11.65
C HIS B 145 10.50 -28.83 12.53
N ASP B 146 11.50 -29.17 13.34
CA ASP B 146 12.22 -28.14 14.10
C ASP B 146 12.95 -27.20 13.16
N VAL B 147 13.58 -27.75 12.11
CA VAL B 147 14.28 -26.94 11.12
C VAL B 147 13.29 -26.07 10.36
N ALA B 148 12.14 -26.65 9.96
CA ALA B 148 11.12 -25.87 9.27
C ALA B 148 10.58 -24.74 10.15
N ALA B 149 10.41 -25.00 11.45
CA ALA B 149 9.91 -23.96 12.34
C ALA B 149 10.89 -22.80 12.45
N ASP B 150 12.19 -23.10 12.51
CA ASP B 150 13.19 -22.04 12.59
C ASP B 150 13.26 -21.24 11.29
N LEU B 151 13.15 -21.92 10.14
CA LEU B 151 13.12 -21.20 8.87
C LEU B 151 11.86 -20.33 8.74
N VAL B 152 10.74 -20.79 9.31
CA VAL B 152 9.51 -19.99 9.28
C VAL B 152 9.71 -18.69 10.06
N THR B 153 10.34 -18.76 11.24
CA THR B 153 10.64 -17.56 12.01
C THR B 153 11.47 -16.56 11.22
N ILE B 154 12.50 -17.06 10.51
CA ILE B 154 13.34 -16.17 9.72
C ILE B 154 12.51 -15.48 8.65
N CYS B 155 11.72 -16.25 7.90
CA CYS B 155 10.91 -15.65 6.85
C CYS B 155 9.91 -14.65 7.43
N TYR B 156 9.25 -15.02 8.52
CA TYR B 156 8.33 -14.08 9.17
C TYR B 156 9.03 -12.79 9.57
N ASN B 157 10.28 -12.89 10.04
CA ASN B 157 10.99 -11.68 10.46
C ASN B 157 11.27 -10.75 9.29
N ASP B 158 11.40 -11.30 8.07
CA ASP B 158 11.48 -10.45 6.89
C ASP B 158 10.17 -9.73 6.61
N PHE B 159 9.06 -10.21 7.17
CA PHE B 159 7.78 -9.51 7.15
C PHE B 159 7.57 -8.68 8.42
N GLY B 160 8.63 -8.43 9.18
CA GLY B 160 8.59 -7.56 10.33
C GLY B 160 9.24 -6.21 10.04
N SER B 161 9.59 -5.51 11.12
CA SER B 161 10.14 -4.16 10.99
C SER B 161 11.41 -3.95 11.79
N ARG B 162 12.15 -5.02 12.11
CA ARG B 162 13.34 -4.92 12.95
C ARG B 162 14.62 -5.30 12.23
N ARG B 163 14.60 -5.50 10.92
CA ARG B 163 15.77 -5.95 10.20
C ARG B 163 16.38 -4.80 9.41
N ASN B 164 17.68 -4.92 9.13
CA ASN B 164 18.37 -3.95 8.29
C ASN B 164 18.44 -4.39 6.84
N ALA B 165 18.35 -5.68 6.56
CA ALA B 165 18.37 -6.19 5.20
C ALA B 165 17.61 -7.51 5.17
N LEU B 166 16.95 -7.77 4.05
CA LEU B 166 16.21 -9.03 3.89
C LEU B 166 17.17 -10.21 3.90
N ALA B 167 16.63 -11.37 4.32
CA ALA B 167 17.47 -12.55 4.56
C ALA B 167 18.16 -13.03 3.28
N PHE B 168 17.40 -13.15 2.19
CA PHE B 168 17.96 -13.69 0.96
C PHE B 168 18.85 -12.70 0.23
N LEU B 169 18.91 -11.45 0.69
CA LEU B 169 19.76 -10.44 0.05
C LEU B 169 21.23 -10.82 0.10
N ALA B 170 21.61 -11.76 0.97
CA ALA B 170 23.00 -12.20 1.03
C ALA B 170 23.45 -12.90 -0.25
N ARG B 171 22.50 -13.42 -1.05
CA ARG B 171 22.84 -14.04 -2.32
C ARG B 171 23.42 -13.05 -3.31
N ALA B 172 23.14 -11.77 -3.14
CA ALA B 172 23.64 -10.75 -4.06
C ALA B 172 25.14 -10.55 -3.85
N PRO B 173 25.86 -10.14 -4.91
CA PRO B 173 27.28 -9.85 -4.76
C PRO B 173 27.52 -8.68 -3.81
N GLN B 174 28.70 -8.70 -3.16
CA GLN B 174 29.03 -7.68 -2.19
C GLN B 174 28.98 -6.27 -2.79
N VAL B 175 29.48 -6.12 -4.02
CA VAL B 175 29.47 -4.81 -4.65
C VAL B 175 28.05 -4.36 -4.93
N ARG B 176 27.14 -5.28 -5.23
CA ARG B 176 25.74 -4.91 -5.42
C ARG B 176 25.08 -4.51 -4.09
N ARG B 177 25.41 -5.21 -3.00
CA ARG B 177 24.84 -4.85 -1.71
C ARG B 177 25.42 -3.54 -1.19
N ASP B 178 26.72 -3.31 -1.41
CA ASP B 178 27.30 -2.03 -0.99
C ASP B 178 26.70 -0.88 -1.78
N LEU B 179 26.41 -1.12 -3.06
CA LEU B 179 25.80 -0.08 -3.89
C LEU B 179 24.39 0.25 -3.38
N TRP B 180 23.60 -0.79 -3.05
CA TRP B 180 22.27 -0.56 -2.49
C TRP B 180 22.35 0.21 -1.19
N GLN B 181 23.36 -0.09 -0.36
CA GLN B 181 23.51 0.61 0.91
C GLN B 181 23.72 2.11 0.71
N ARG B 182 24.64 2.48 -0.20
CA ARG B 182 24.92 3.89 -0.44
C ARG B 182 23.69 4.62 -0.95
N LEU B 183 22.93 3.98 -1.84
CA LEU B 183 21.76 4.62 -2.43
C LEU B 183 20.57 4.66 -1.49
N GLY B 184 20.59 3.85 -0.42
CA GLY B 184 19.43 3.74 0.43
C GLY B 184 18.32 2.88 -0.14
N MET B 185 18.67 1.88 -0.96
CA MET B 185 17.72 0.97 -1.56
C MET B 185 17.66 -0.37 -0.87
N THR B 186 18.51 -0.62 0.12
CA THR B 186 18.54 -1.93 0.75
C THR B 186 17.14 -2.27 1.28
N PRO B 187 16.51 -3.33 0.77
CA PRO B 187 15.19 -3.72 1.29
C PRO B 187 15.29 -4.24 2.72
N ARG B 188 14.48 -3.67 3.61
CA ARG B 188 14.52 -4.03 5.02
C ARG B 188 13.41 -4.98 5.43
N GLY B 189 12.18 -4.71 5.01
CA GLY B 189 11.07 -5.59 5.29
C GLY B 189 10.07 -5.59 4.15
N VAL B 190 9.53 -6.76 3.83
CA VAL B 190 8.66 -6.90 2.66
C VAL B 190 7.44 -5.98 2.78
N ASP B 191 6.71 -6.09 3.90
CA ASP B 191 5.54 -5.24 4.06
C ASP B 191 5.92 -3.79 4.33
N ARG B 192 7.06 -3.57 5.00
CA ARG B 192 7.40 -2.22 5.42
C ARG B 192 7.63 -1.28 4.24
N GLU B 193 8.36 -1.74 3.21
CA GLU B 193 8.58 -0.89 2.04
C GLU B 193 7.26 -0.55 1.37
N ILE B 194 6.34 -1.51 1.29
CA ILE B 194 5.02 -1.23 0.75
C ILE B 194 4.32 -0.15 1.56
N ALA B 195 4.33 -0.29 2.88
CA ALA B 195 3.68 0.70 3.73
C ALA B 195 4.35 2.06 3.62
N GLU B 196 5.69 2.08 3.62
CA GLU B 196 6.39 3.36 3.47
C GLU B 196 6.11 4.00 2.11
N MET B 197 5.95 3.17 1.07
CA MET B 197 5.59 3.72 -0.23
C MET B 197 4.21 4.37 -0.20
N MET B 198 3.24 3.71 0.43
CA MET B 198 1.92 4.31 0.58
C MET B 198 1.98 5.57 1.43
N HIS B 199 2.89 5.62 2.40
CA HIS B 199 3.08 6.83 3.19
C HIS B 199 3.70 7.94 2.36
N ARG B 200 4.76 7.62 1.59
CA ARG B 200 5.46 8.64 0.82
C ARG B 200 4.56 9.27 -0.25
N THR B 201 3.66 8.48 -0.84
CA THR B 201 2.80 8.99 -1.90
C THR B 201 1.60 9.77 -1.37
N HIS B 202 1.42 9.84 -0.05
CA HIS B 202 0.38 10.66 0.54
C HIS B 202 0.68 12.14 0.29
N MET B 203 -0.38 12.95 0.34
CA MET B 203 -0.22 14.39 0.13
C MET B 203 0.75 14.97 1.17
N GLY B 204 1.69 15.78 0.70
CA GLY B 204 2.56 16.51 1.60
C GLY B 204 3.60 15.68 2.32
N CYS B 205 3.98 14.51 1.77
CA CYS B 205 5.03 13.71 2.36
C CYS B 205 6.24 13.78 1.45
N ASP B 206 6.45 12.83 0.54
CA ASP B 206 7.63 12.82 -0.32
C ASP B 206 7.30 13.54 -1.63
N ASN B 207 7.95 14.68 -1.84
CA ASN B 207 7.73 15.53 -3.01
C ASN B 207 9.02 15.72 -3.79
N ASP B 208 9.80 14.64 -3.94
CA ASP B 208 11.01 14.66 -4.75
C ASP B 208 11.02 13.37 -5.57
N HIS B 209 10.92 13.50 -6.90
CA HIS B 209 10.75 12.33 -7.75
C HIS B 209 11.96 11.40 -7.71
N THR B 210 13.16 11.93 -7.46
CA THR B 210 14.32 11.05 -7.30
C THR B 210 14.17 10.21 -6.04
N SER B 211 13.80 10.85 -4.92
CA SER B 211 13.55 10.12 -3.68
C SER B 211 12.48 9.06 -3.86
N LEU B 212 11.40 9.39 -4.58
CA LEU B 212 10.29 8.46 -4.76
C LEU B 212 10.71 7.24 -5.58
N LEU B 213 11.46 7.46 -6.67
CA LEU B 213 11.87 6.33 -7.50
C LEU B 213 12.90 5.46 -6.80
N VAL B 214 13.76 6.06 -5.97
CA VAL B 214 14.71 5.26 -5.20
C VAL B 214 13.97 4.32 -4.27
N HIS B 215 12.90 4.80 -3.64
CA HIS B 215 12.12 3.89 -2.78
C HIS B 215 11.29 2.93 -3.60
N ALA B 216 10.90 3.33 -4.82
CA ALA B 216 10.27 2.37 -5.73
C ALA B 216 11.20 1.20 -6.01
N ALA B 217 12.48 1.49 -6.23
CA ALA B 217 13.47 0.43 -6.38
C ALA B 217 13.58 -0.41 -5.11
N ARG B 218 13.66 0.26 -3.95
CA ARG B 218 13.71 -0.47 -2.69
C ARG B 218 12.47 -1.32 -2.49
N THR B 219 11.29 -0.79 -2.82
CA THR B 219 10.07 -1.56 -2.67
C THR B 219 10.06 -2.77 -3.60
N ALA B 220 10.51 -2.61 -4.84
CA ALA B 220 10.52 -3.74 -5.76
C ALA B 220 11.59 -4.76 -5.38
N LEU B 221 12.74 -4.32 -4.86
CA LEU B 221 13.75 -5.26 -4.39
C LEU B 221 13.23 -6.08 -3.22
N ALA B 222 12.36 -5.50 -2.40
CA ALA B 222 11.74 -6.27 -1.31
C ALA B 222 10.82 -7.36 -1.84
N ASP B 223 10.34 -7.20 -3.07
CA ASP B 223 9.59 -8.26 -3.75
C ASP B 223 10.54 -9.34 -4.27
N GLY B 224 11.48 -8.95 -5.14
CA GLY B 224 12.31 -9.94 -5.80
C GLY B 224 13.22 -10.71 -4.86
N TRP B 225 13.80 -10.03 -3.88
CA TRP B 225 14.68 -10.69 -2.91
C TRP B 225 13.97 -11.03 -1.62
N GLY B 226 12.67 -10.76 -1.51
CA GLY B 226 11.93 -11.07 -0.32
C GLY B 226 10.67 -11.85 -0.63
N GLY B 227 9.60 -11.15 -1.00
CA GLY B 227 8.31 -11.80 -1.17
C GLY B 227 8.32 -12.91 -2.19
N SER B 228 8.85 -12.62 -3.39
CA SER B 228 8.87 -13.63 -4.44
C SER B 228 9.85 -14.75 -4.12
N MET B 229 11.05 -14.41 -3.65
CA MET B 229 12.06 -15.42 -3.39
C MET B 229 11.62 -16.34 -2.25
N ILE B 230 11.03 -15.78 -1.20
CA ILE B 230 10.47 -16.62 -0.15
C ILE B 230 9.37 -17.51 -0.71
N GLY B 231 8.54 -16.97 -1.60
CA GLY B 231 7.50 -17.76 -2.23
C GLY B 231 8.06 -18.91 -3.05
N THR B 232 9.07 -18.63 -3.89
CA THR B 232 9.65 -19.66 -4.73
C THR B 232 10.33 -20.74 -3.90
N GLU B 233 11.18 -20.35 -2.96
CA GLU B 233 11.97 -21.34 -2.23
C GLU B 233 11.10 -22.17 -1.30
N LEU B 234 10.10 -21.58 -0.67
CA LEU B 234 9.23 -22.37 0.20
C LEU B 234 8.30 -23.28 -0.59
N SER B 235 7.92 -22.87 -1.81
CA SER B 235 7.10 -23.75 -2.64
C SER B 235 7.87 -24.99 -3.05
N ASP B 236 9.16 -24.83 -3.38
CA ASP B 236 9.98 -26.00 -3.68
C ASP B 236 10.13 -26.90 -2.46
N ILE B 237 10.25 -26.31 -1.28
CA ILE B 237 10.33 -27.10 -0.05
C ILE B 237 9.06 -27.89 0.15
N LEU B 238 7.90 -27.24 0.01
CA LEU B 238 6.62 -27.86 0.32
C LEU B 238 6.17 -28.83 -0.77
N PHE B 239 6.30 -28.45 -2.04
CA PHE B 239 5.73 -29.24 -3.12
C PHE B 239 6.76 -29.84 -4.07
N GLY B 240 8.04 -29.66 -3.81
CA GLY B 240 9.05 -30.33 -4.62
C GLY B 240 9.83 -29.36 -5.49
N THR B 241 11.11 -29.64 -5.65
CA THR B 241 11.95 -28.84 -6.52
C THR B 241 11.77 -29.31 -7.96
N PRO B 242 11.50 -28.42 -8.90
CA PRO B 242 11.25 -28.86 -10.28
C PRO B 242 12.44 -29.58 -10.88
N ARG B 243 12.13 -30.56 -11.73
CA ARG B 243 13.09 -31.29 -12.54
C ARG B 243 12.56 -31.31 -13.97
N PRO B 244 13.45 -31.41 -14.96
CA PRO B 244 12.98 -31.38 -16.36
C PRO B 244 12.01 -32.51 -16.64
N ARG B 245 10.94 -32.19 -17.36
CA ARG B 245 9.93 -33.18 -17.73
C ARG B 245 9.15 -32.67 -18.93
N GLN B 246 8.36 -33.57 -19.52
CA GLN B 246 7.57 -33.29 -20.70
C GLN B 246 6.12 -33.04 -20.34
N SER B 247 5.45 -32.21 -21.15
CA SER B 247 4.04 -31.91 -20.98
C SER B 247 3.53 -31.33 -22.29
N THR B 248 2.33 -30.75 -22.25
CA THR B 248 1.70 -30.17 -23.43
C THR B 248 1.03 -28.85 -23.06
N VAL B 249 0.75 -28.04 -24.09
CA VAL B 249 0.11 -26.74 -23.92
C VAL B 249 -0.98 -26.57 -24.99
N ASN B 250 -1.75 -25.50 -24.83
CA ASN B 250 -2.86 -25.00 -25.65
C ASN B 250 -4.17 -25.69 -25.27
N LEU B 251 -5.27 -25.25 -25.87
CA LEU B 251 -6.59 -25.70 -25.45
C LEU B 251 -6.83 -27.18 -25.73
N GLY B 252 -6.04 -27.79 -26.61
CA GLY B 252 -6.19 -29.21 -26.89
C GLY B 252 -5.94 -30.12 -25.70
N VAL B 253 -5.40 -29.59 -24.60
CA VAL B 253 -5.19 -30.42 -23.41
C VAL B 253 -6.50 -30.75 -22.72
N LEU B 254 -7.58 -30.03 -23.05
CA LEU B 254 -8.90 -30.40 -22.57
C LEU B 254 -9.40 -31.61 -23.34
N ARG B 255 -10.04 -32.53 -22.62
CA ARG B 255 -10.50 -33.79 -23.20
C ARG B 255 -12.03 -33.85 -23.16
N LYS B 256 -12.62 -34.25 -24.28
CA LYS B 256 -14.08 -34.35 -24.35
C LYS B 256 -14.60 -35.46 -23.45
N ASP B 257 -13.82 -36.52 -23.23
CA ASP B 257 -14.26 -37.68 -22.50
C ASP B 257 -13.98 -37.62 -21.00
N ALA B 258 -13.48 -36.48 -20.50
CA ALA B 258 -13.03 -36.38 -19.12
C ALA B 258 -13.68 -35.19 -18.44
N VAL B 259 -13.60 -35.20 -17.10
CA VAL B 259 -13.98 -34.04 -16.29
C VAL B 259 -12.81 -33.07 -16.29
N ASN B 260 -13.02 -31.89 -16.87
CA ASN B 260 -11.96 -30.91 -17.05
C ASN B 260 -12.01 -29.90 -15.90
N ILE B 261 -10.97 -29.92 -15.06
CA ILE B 261 -10.81 -28.95 -13.98
C ILE B 261 -9.68 -28.01 -14.36
N LEU B 262 -9.98 -26.72 -14.43
CA LEU B 262 -9.00 -25.70 -14.76
C LEU B 262 -8.63 -24.94 -13.49
N VAL B 263 -7.36 -25.00 -13.10
CA VAL B 263 -6.85 -24.25 -11.95
C VAL B 263 -6.30 -22.92 -12.44
N HIS B 264 -6.65 -21.85 -11.73
CA HIS B 264 -6.36 -20.49 -12.19
C HIS B 264 -5.91 -19.66 -11.00
N GLY B 265 -4.90 -18.81 -11.23
CA GLY B 265 -4.36 -17.95 -10.21
C GLY B 265 -2.85 -18.14 -10.07
N HIS B 266 -2.37 -18.05 -8.83
CA HIS B 266 -0.94 -18.08 -8.55
C HIS B 266 -0.52 -19.03 -7.43
N ASN B 267 -1.45 -19.47 -6.58
CA ASN B 267 -1.10 -20.14 -5.34
C ASN B 267 -1.09 -21.67 -5.53
N PRO B 268 0.07 -22.33 -5.44
CA PRO B 268 0.08 -23.80 -5.55
C PRO B 268 -0.52 -24.51 -4.35
N VAL B 269 -0.71 -23.81 -3.22
CA VAL B 269 -1.25 -24.46 -2.03
C VAL B 269 -2.61 -25.08 -2.31
N VAL B 270 -3.43 -24.42 -3.14
CA VAL B 270 -4.74 -24.96 -3.46
C VAL B 270 -4.67 -25.98 -4.58
N SER B 271 -3.98 -25.64 -5.67
CA SER B 271 -3.98 -26.50 -6.85
C SER B 271 -3.27 -27.83 -6.59
N GLU B 272 -2.23 -27.83 -5.74
CA GLU B 272 -1.59 -29.10 -5.39
C GLU B 272 -2.55 -30.01 -4.65
N MET B 273 -3.38 -29.44 -3.77
CA MET B 273 -4.35 -30.25 -3.04
C MET B 273 -5.56 -30.63 -3.90
N ILE B 274 -5.90 -29.79 -4.88
CA ILE B 274 -6.92 -30.17 -5.86
C ILE B 274 -6.46 -31.42 -6.61
N LEU B 275 -5.22 -31.41 -7.07
CA LEU B 275 -4.70 -32.52 -7.85
C LEU B 275 -4.69 -33.81 -7.04
N ALA B 276 -4.33 -33.73 -5.76
CA ALA B 276 -4.35 -34.91 -4.90
C ALA B 276 -5.77 -35.44 -4.72
N ALA B 277 -6.77 -34.54 -4.69
CA ALA B 277 -8.14 -34.96 -4.52
C ALA B 277 -8.64 -35.76 -5.71
N THR B 278 -8.24 -35.36 -6.92
CA THR B 278 -8.66 -36.07 -8.13
C THR B 278 -8.05 -37.45 -8.24
N ARG B 279 -7.09 -37.81 -7.40
CA ARG B 279 -6.50 -39.13 -7.39
C ARG B 279 -6.98 -39.99 -6.24
N GLU B 280 -7.92 -39.50 -5.42
CA GLU B 280 -8.52 -40.33 -4.40
C GLU B 280 -9.47 -41.34 -5.05
N PRO B 281 -9.52 -42.59 -4.56
CA PRO B 281 -10.36 -43.59 -5.23
C PRO B 281 -11.84 -43.25 -5.21
N ALA B 282 -12.36 -42.75 -4.09
CA ALA B 282 -13.78 -42.40 -4.03
C ALA B 282 -14.12 -41.29 -5.00
N VAL B 283 -13.19 -40.35 -5.21
CA VAL B 283 -13.45 -39.25 -6.14
C VAL B 283 -13.39 -39.73 -7.58
N ARG B 284 -12.40 -40.57 -7.91
CA ARG B 284 -12.34 -41.13 -9.26
C ARG B 284 -13.57 -41.99 -9.55
N GLN B 285 -14.16 -42.60 -8.51
CA GLN B 285 -15.39 -43.35 -8.68
C GLN B 285 -16.55 -42.44 -9.04
N ALA B 286 -16.65 -41.28 -8.38
CA ALA B 286 -17.74 -40.35 -8.66
C ALA B 286 -17.72 -39.89 -10.10
N ALA B 287 -16.53 -39.72 -10.68
CA ALA B 287 -16.42 -39.36 -12.09
C ALA B 287 -16.84 -40.51 -13.00
N GLN B 288 -16.40 -41.73 -12.66
CA GLN B 288 -16.77 -42.90 -13.46
C GLN B 288 -18.26 -43.16 -13.41
N ASP B 289 -18.88 -42.97 -12.24
CA ASP B 289 -20.32 -43.10 -12.11
C ASP B 289 -21.07 -42.08 -12.97
N ALA B 290 -20.44 -40.95 -13.29
CA ALA B 290 -21.04 -39.91 -14.10
C ALA B 290 -20.80 -40.09 -15.60
N GLY B 291 -20.05 -41.11 -16.00
CA GLY B 291 -19.79 -41.36 -17.40
C GLY B 291 -18.49 -40.80 -17.96
N ALA B 292 -17.58 -40.33 -17.12
CA ALA B 292 -16.32 -39.75 -17.58
C ALA B 292 -15.21 -40.79 -17.55
N ALA B 293 -14.30 -40.67 -18.52
CA ALA B 293 -13.18 -41.59 -18.61
C ALA B 293 -12.12 -41.30 -17.54
N ASP B 294 -12.01 -40.05 -17.13
CA ASP B 294 -10.99 -39.65 -16.16
C ASP B 294 -11.36 -38.29 -15.58
N ILE B 295 -10.58 -37.85 -14.61
CA ILE B 295 -10.60 -36.48 -14.12
C ILE B 295 -9.37 -35.79 -14.70
N ASN B 296 -9.58 -34.74 -15.48
CA ASN B 296 -8.50 -34.06 -16.19
C ASN B 296 -8.29 -32.68 -15.58
N VAL B 297 -7.11 -32.46 -15.00
CA VAL B 297 -6.73 -31.15 -14.47
C VAL B 297 -5.78 -30.48 -15.46
N ALA B 298 -6.07 -29.23 -15.79
CA ALA B 298 -5.22 -28.42 -16.65
C ALA B 298 -5.06 -27.04 -16.04
N GLY B 299 -3.90 -26.43 -16.27
CA GLY B 299 -3.52 -25.21 -15.61
C GLY B 299 -3.73 -23.96 -16.45
N LEU B 300 -3.90 -22.84 -15.76
CA LEU B 300 -3.97 -21.52 -16.37
C LEU B 300 -3.11 -20.57 -15.56
N CYS B 301 -2.67 -19.50 -16.23
N CYS B 301 -2.64 -19.53 -16.23
CA CYS B 301 -1.83 -18.47 -15.63
CA CYS B 301 -1.95 -18.40 -15.57
C CYS B 301 -0.67 -19.04 -14.83
C CYS B 301 -0.69 -18.94 -14.86
N CYS B 302 -0.37 -18.46 -13.67
CA CYS B 302 0.86 -18.84 -13.00
C CYS B 302 0.70 -20.12 -12.20
N THR B 303 -0.46 -20.34 -11.59
CA THR B 303 -0.66 -21.60 -10.88
C THR B 303 -0.57 -22.78 -11.84
N GLY B 304 -0.94 -22.58 -13.11
CA GLY B 304 -0.69 -23.61 -14.10
C GLY B 304 0.80 -23.80 -14.34
N ASN B 305 1.55 -22.71 -14.40
CA ASN B 305 3.00 -22.81 -14.49
C ASN B 305 3.57 -23.58 -13.31
N GLU B 306 2.99 -23.38 -12.12
CA GLU B 306 3.48 -24.07 -10.93
C GLU B 306 3.21 -25.56 -11.01
N LEU B 307 1.99 -25.95 -11.38
CA LEU B 307 1.69 -27.37 -11.55
C LEU B 307 2.45 -27.95 -12.73
N LEU B 308 2.78 -27.14 -13.73
CA LEU B 308 3.57 -27.62 -14.85
C LEU B 308 5.00 -27.95 -14.41
N MET B 309 5.63 -27.05 -13.65
CA MET B 309 7.02 -27.26 -13.27
C MET B 309 7.18 -28.48 -12.35
N ARG B 310 6.26 -28.65 -11.40
CA ARG B 310 6.43 -29.65 -10.36
C ARG B 310 5.69 -30.96 -10.64
N GLN B 311 4.63 -30.92 -11.45
CA GLN B 311 3.85 -32.12 -11.73
C GLN B 311 3.76 -32.45 -13.21
N GLY B 312 4.16 -31.54 -14.11
CA GLY B 312 3.98 -31.78 -15.52
C GLY B 312 2.56 -31.65 -16.01
N ILE B 313 1.68 -31.06 -15.22
CA ILE B 313 0.27 -30.89 -15.61
C ILE B 313 0.18 -29.98 -16.83
N PRO B 314 -0.54 -30.38 -17.88
CA PRO B 314 -0.57 -29.55 -19.10
C PRO B 314 -1.27 -28.22 -18.87
N MET B 315 -0.84 -27.22 -19.63
CA MET B 315 -1.36 -25.87 -19.52
C MET B 315 -2.39 -25.63 -20.62
N ALA B 316 -3.55 -25.07 -20.25
CA ALA B 316 -4.58 -24.76 -21.23
C ALA B 316 -4.25 -23.50 -22.02
N GLY B 317 -3.65 -22.50 -21.39
CA GLY B 317 -3.30 -21.28 -22.10
C GLY B 317 -2.88 -20.21 -21.12
N ASN B 318 -2.51 -19.06 -21.69
CA ASN B 318 -2.05 -17.94 -20.89
C ASN B 318 -3.17 -16.95 -20.62
N HIS B 319 -2.82 -15.67 -20.47
CA HIS B 319 -3.74 -14.69 -19.91
C HIS B 319 -5.00 -14.54 -20.76
N LEU B 320 -4.84 -14.17 -22.04
CA LEU B 320 -5.99 -13.91 -22.88
C LEU B 320 -6.72 -15.19 -23.32
N MET B 321 -6.14 -16.37 -23.10
CA MET B 321 -6.81 -17.62 -23.41
C MET B 321 -7.81 -18.06 -22.34
N THR B 322 -7.81 -17.42 -21.16
CA THR B 322 -8.62 -17.92 -20.06
C THR B 322 -10.11 -17.82 -20.36
N GLU B 323 -10.54 -16.76 -21.04
CA GLU B 323 -11.94 -16.64 -21.43
C GLU B 323 -12.30 -17.69 -22.48
N LEU B 324 -11.40 -17.93 -23.42
CA LEU B 324 -11.70 -18.85 -24.52
C LEU B 324 -11.76 -20.29 -24.06
N ALA B 325 -11.02 -20.65 -23.01
CA ALA B 325 -11.06 -22.01 -22.50
C ALA B 325 -12.44 -22.37 -21.99
N ILE B 326 -13.17 -21.39 -21.44
CA ILE B 326 -14.55 -21.62 -21.03
C ILE B 326 -15.47 -21.75 -22.25
N VAL B 327 -15.16 -21.00 -23.32
CA VAL B 327 -15.99 -21.03 -24.53
C VAL B 327 -15.94 -22.39 -25.22
N THR B 328 -14.90 -23.19 -24.97
CA THR B 328 -14.84 -24.54 -25.55
C THR B 328 -16.04 -25.39 -25.14
N GLY B 329 -16.72 -25.05 -24.06
CA GLY B 329 -17.82 -25.85 -23.56
C GLY B 329 -17.39 -27.07 -22.79
N ALA B 330 -16.09 -27.36 -22.71
CA ALA B 330 -15.58 -28.53 -22.01
C ALA B 330 -14.98 -28.19 -20.65
N ALA B 331 -14.93 -26.92 -20.28
CA ALA B 331 -14.43 -26.51 -18.97
C ALA B 331 -15.52 -26.77 -17.94
N ASP B 332 -15.35 -27.83 -17.14
CA ASP B 332 -16.39 -28.21 -16.19
C ASP B 332 -16.30 -27.41 -14.90
N ALA B 333 -15.10 -26.95 -14.54
CA ALA B 333 -14.97 -26.08 -13.37
C ALA B 333 -13.72 -25.23 -13.51
N ILE B 334 -13.77 -24.05 -12.92
CA ILE B 334 -12.62 -23.17 -12.77
C ILE B 334 -12.40 -23.01 -11.27
N VAL B 335 -11.23 -23.44 -10.78
CA VAL B 335 -10.87 -23.31 -9.38
C VAL B 335 -9.86 -22.18 -9.27
N ALA B 336 -10.26 -21.08 -8.65
CA ALA B 336 -9.46 -19.88 -8.58
C ALA B 336 -8.97 -19.63 -7.17
N ASP B 337 -7.79 -19.01 -7.05
CA ASP B 337 -7.33 -18.52 -5.77
C ASP B 337 -7.28 -17.00 -5.80
N TYR B 338 -6.22 -16.41 -6.33
CA TYR B 338 -6.15 -14.95 -6.41
C TYR B 338 -5.20 -14.51 -7.52
N GLN B 339 -5.34 -13.24 -7.89
CA GLN B 339 -4.45 -12.51 -8.79
C GLN B 339 -4.62 -12.84 -10.27
N CYS B 340 -4.82 -11.81 -11.09
CA CYS B 340 -4.85 -11.88 -12.55
C CYS B 340 -6.00 -12.77 -13.06
N ILE B 341 -7.05 -12.92 -12.27
CA ILE B 341 -8.23 -13.67 -12.64
C ILE B 341 -9.30 -12.67 -13.08
N MET B 342 -9.53 -12.58 -14.38
CA MET B 342 -10.49 -11.62 -14.91
C MET B 342 -11.90 -11.91 -14.39
N PRO B 343 -12.56 -10.94 -13.74
CA PRO B 343 -13.90 -11.21 -13.19
C PRO B 343 -14.97 -11.44 -14.26
N SER B 344 -14.65 -11.22 -15.53
CA SER B 344 -15.58 -11.58 -16.60
C SER B 344 -15.75 -13.08 -16.72
N LEU B 345 -14.81 -13.87 -16.19
CA LEU B 345 -14.94 -15.32 -16.24
C LEU B 345 -16.19 -15.80 -15.50
N VAL B 346 -16.58 -15.12 -14.43
CA VAL B 346 -17.77 -15.53 -13.69
C VAL B 346 -19.00 -15.43 -14.57
N GLN B 347 -19.11 -14.36 -15.36
CA GLN B 347 -20.25 -14.18 -16.23
C GLN B 347 -20.22 -15.13 -17.42
N ILE B 348 -19.03 -15.34 -18.00
CA ILE B 348 -18.92 -16.26 -19.12
C ILE B 348 -19.22 -17.69 -18.70
N ALA B 349 -18.83 -18.06 -17.48
CA ALA B 349 -19.14 -19.39 -16.99
C ALA B 349 -20.64 -19.60 -16.83
N ALA B 350 -21.38 -18.54 -16.49
CA ALA B 350 -22.83 -18.62 -16.37
C ALA B 350 -23.49 -18.87 -17.73
N CYS B 351 -22.82 -18.50 -18.82
CA CYS B 351 -23.30 -18.81 -20.15
C CYS B 351 -23.23 -20.31 -20.46
N TYR B 352 -22.51 -21.08 -19.65
CA TYR B 352 -22.40 -22.52 -19.82
C TYR B 352 -22.79 -23.24 -18.55
N HIS B 353 -22.35 -24.48 -18.39
CA HIS B 353 -22.53 -25.26 -17.18
C HIS B 353 -21.43 -25.03 -16.15
N THR B 354 -20.38 -24.30 -16.54
CA THR B 354 -19.13 -24.27 -15.76
C THR B 354 -19.34 -23.72 -14.35
N ARG B 355 -18.70 -24.37 -13.39
CA ARG B 355 -18.69 -23.93 -12.00
C ARG B 355 -17.46 -23.07 -11.76
N PHE B 356 -17.67 -21.81 -11.35
CA PHE B 356 -16.59 -20.91 -11.00
C PHE B 356 -16.43 -20.92 -9.49
N VAL B 357 -15.30 -21.47 -9.02
CA VAL B 357 -15.10 -21.71 -7.59
C VAL B 357 -13.95 -20.85 -7.10
N THR B 358 -14.20 -20.05 -6.07
CA THR B 358 -13.18 -19.29 -5.39
C THR B 358 -12.77 -20.00 -4.11
N THR B 359 -11.49 -19.92 -3.78
CA THR B 359 -10.94 -20.65 -2.64
C THR B 359 -10.24 -19.77 -1.62
N SER B 360 -10.06 -18.48 -1.89
CA SER B 360 -9.26 -17.66 -1.01
C SER B 360 -10.10 -16.54 -0.39
N PRO B 361 -9.86 -16.21 0.88
CA PRO B 361 -10.53 -15.05 1.47
C PRO B 361 -10.14 -13.75 0.80
N LYS B 362 -8.98 -13.70 0.14
CA LYS B 362 -8.50 -12.52 -0.55
C LYS B 362 -9.01 -12.40 -1.98
N GLY B 363 -9.29 -13.53 -2.63
CA GLY B 363 -9.82 -13.47 -3.98
C GLY B 363 -11.30 -13.78 -4.06
N ARG B 364 -12.13 -12.79 -3.71
CA ARG B 364 -13.58 -12.93 -3.70
C ARG B 364 -14.18 -12.39 -4.98
N PHE B 365 -15.15 -13.13 -5.54
CA PHE B 365 -15.82 -12.76 -6.77
C PHE B 365 -17.32 -12.83 -6.54
N THR B 366 -18.00 -11.70 -6.74
CA THR B 366 -19.45 -11.67 -6.58
C THR B 366 -20.11 -12.66 -7.54
N GLY B 367 -20.99 -13.49 -7.01
CA GLY B 367 -21.70 -14.48 -7.79
C GLY B 367 -21.02 -15.81 -7.95
N ALA B 368 -19.81 -15.97 -7.43
CA ALA B 368 -19.07 -17.22 -7.55
C ALA B 368 -19.41 -18.16 -6.40
N THR B 369 -19.04 -19.43 -6.59
CA THR B 369 -19.19 -20.45 -5.55
C THR B 369 -17.92 -20.44 -4.69
N HIS B 370 -18.04 -19.98 -3.45
CA HIS B 370 -16.90 -19.83 -2.57
C HIS B 370 -16.78 -21.04 -1.66
N VAL B 371 -15.72 -21.82 -1.84
CA VAL B 371 -15.39 -22.94 -0.95
C VAL B 371 -14.00 -22.63 -0.40
N GLU B 372 -13.96 -21.83 0.67
CA GLU B 372 -12.70 -21.29 1.16
C GLU B 372 -11.77 -22.39 1.65
N VAL B 373 -10.53 -22.34 1.17
CA VAL B 373 -9.52 -23.36 1.45
C VAL B 373 -8.45 -22.77 2.36
N HIS B 374 -8.09 -23.50 3.41
CA HIS B 374 -6.97 -23.20 4.28
C HIS B 374 -6.19 -24.49 4.49
N PRO B 375 -4.92 -24.39 4.91
CA PRO B 375 -4.12 -25.63 5.09
C PRO B 375 -4.76 -26.65 6.03
N HIS B 376 -5.47 -26.21 7.06
CA HIS B 376 -6.02 -27.15 8.03
C HIS B 376 -7.22 -27.93 7.50
N ASN B 377 -7.90 -27.43 6.46
CA ASN B 377 -9.07 -28.12 5.90
C ASN B 377 -8.95 -28.40 4.41
N ALA B 378 -7.77 -28.16 3.81
CA ALA B 378 -7.66 -28.20 2.36
C ALA B 378 -7.98 -29.59 1.79
N GLN B 379 -7.54 -30.65 2.47
CA GLN B 379 -7.79 -31.99 1.97
C GLN B 379 -9.28 -32.28 1.89
N GLU B 380 -10.04 -31.84 2.91
CA GLU B 380 -11.49 -32.02 2.86
C GLU B 380 -12.13 -31.07 1.86
N ARG B 381 -11.75 -29.80 1.88
CA ARG B 381 -12.37 -28.80 1.01
C ARG B 381 -12.09 -29.08 -0.46
N CYS B 382 -10.86 -29.46 -0.81
CA CYS B 382 -10.53 -29.74 -2.20
C CYS B 382 -11.28 -30.96 -2.70
N ARG B 383 -11.48 -31.96 -1.84
CA ARG B 383 -12.36 -33.07 -2.19
C ARG B 383 -13.75 -32.57 -2.55
N GLU B 384 -14.29 -31.64 -1.75
CA GLU B 384 -15.59 -31.05 -2.03
C GLU B 384 -15.59 -30.29 -3.35
N ILE B 385 -14.46 -29.67 -3.71
CA ILE B 385 -14.40 -28.88 -4.93
C ILE B 385 -14.36 -29.78 -6.17
N VAL B 386 -13.64 -30.90 -6.10
CA VAL B 386 -13.63 -31.80 -7.24
C VAL B 386 -15.00 -32.42 -7.44
N MET B 387 -15.74 -32.67 -6.36
CA MET B 387 -17.09 -33.22 -6.48
C MET B 387 -18.01 -32.25 -7.20
N LEU B 388 -17.89 -30.96 -6.91
CA LEU B 388 -18.67 -29.95 -7.63
C LEU B 388 -18.31 -29.94 -9.11
N ALA B 389 -17.08 -30.29 -9.45
CA ALA B 389 -16.68 -30.35 -10.86
C ALA B 389 -17.32 -31.56 -11.54
N ILE B 390 -17.41 -32.69 -10.84
CA ILE B 390 -18.05 -33.87 -11.41
C ILE B 390 -19.54 -33.64 -11.58
N ASP B 391 -20.18 -33.00 -10.61
CA ASP B 391 -21.61 -32.70 -10.71
C ASP B 391 -21.88 -31.76 -11.88
N ALA B 392 -21.05 -30.72 -12.04
CA ALA B 392 -21.22 -29.82 -13.18
C ALA B 392 -20.97 -30.56 -14.49
N TYR B 393 -20.12 -31.58 -14.48
CA TYR B 393 -19.86 -32.36 -15.69
C TYR B 393 -21.12 -33.04 -16.21
N THR B 394 -21.97 -33.53 -15.30
CA THR B 394 -23.19 -34.21 -15.74
C THR B 394 -24.18 -33.26 -16.41
N ARG B 395 -24.01 -31.96 -16.24
CA ARG B 395 -24.88 -30.95 -16.86
C ARG B 395 -24.27 -30.32 -18.10
N ARG B 396 -23.20 -30.88 -18.64
CA ARG B 396 -22.55 -30.30 -19.80
C ARG B 396 -23.41 -30.47 -21.05
N ASP B 397 -23.48 -29.41 -21.87
CA ASP B 397 -24.22 -29.45 -23.12
C ASP B 397 -23.28 -29.93 -24.22
N PRO B 398 -23.43 -31.16 -24.71
CA PRO B 398 -22.47 -31.68 -25.71
C PRO B 398 -22.53 -30.94 -27.03
N ALA B 399 -23.66 -30.32 -27.38
CA ALA B 399 -23.76 -29.60 -28.64
C ALA B 399 -22.89 -28.34 -28.67
N ARG B 400 -22.56 -27.80 -27.50
CA ARG B 400 -21.74 -26.60 -27.40
C ARG B 400 -20.28 -26.88 -27.14
N VAL B 401 -19.83 -28.13 -27.31
CA VAL B 401 -18.44 -28.49 -27.06
C VAL B 401 -17.64 -28.36 -28.35
N ASP B 402 -16.51 -27.65 -28.27
CA ASP B 402 -15.61 -27.51 -29.41
C ASP B 402 -14.20 -27.27 -28.87
N ILE B 403 -13.40 -28.32 -28.79
CA ILE B 403 -12.00 -28.22 -28.39
C ILE B 403 -11.16 -28.11 -29.66
N PRO B 404 -10.59 -26.94 -29.96
CA PRO B 404 -10.16 -26.64 -31.34
C PRO B 404 -8.91 -27.37 -31.83
N SER B 405 -7.81 -27.32 -31.09
CA SER B 405 -6.52 -27.75 -31.61
C SER B 405 -6.03 -28.99 -30.88
N GLN B 406 -4.87 -29.49 -31.31
CA GLN B 406 -4.13 -30.61 -30.72
C GLN B 406 -2.94 -30.11 -29.91
N PRO B 407 -2.73 -30.65 -28.72
CA PRO B 407 -1.70 -30.10 -27.82
C PRO B 407 -0.29 -30.20 -28.39
N VAL B 408 0.56 -29.24 -28.02
CA VAL B 408 1.94 -29.14 -28.48
C VAL B 408 2.86 -29.61 -27.35
N SER B 409 3.85 -30.43 -27.71
CA SER B 409 4.78 -30.94 -26.71
C SER B 409 5.72 -29.84 -26.23
N ILE B 410 5.98 -29.83 -24.91
CA ILE B 410 6.89 -28.89 -24.29
C ILE B 410 7.75 -29.63 -23.28
N MET B 411 8.81 -28.95 -22.84
CA MET B 411 9.67 -29.40 -21.75
C MET B 411 9.70 -28.31 -20.70
N SER B 412 9.56 -28.69 -19.43
CA SER B 412 9.44 -27.72 -18.35
C SER B 412 10.23 -28.22 -17.14
N GLY B 413 10.29 -27.39 -16.11
CA GLY B 413 10.91 -27.77 -14.86
C GLY B 413 12.36 -27.37 -14.71
N PHE B 414 12.77 -26.25 -15.29
CA PHE B 414 14.17 -25.83 -15.26
C PHE B 414 14.42 -24.88 -14.09
N SER B 415 14.37 -25.43 -12.89
CA SER B 415 14.87 -24.74 -11.72
C SER B 415 16.39 -24.65 -11.78
N ASN B 416 16.96 -23.75 -10.96
CA ASN B 416 18.41 -23.64 -10.90
C ASN B 416 19.04 -24.95 -10.46
N GLU B 417 18.37 -25.68 -9.56
CA GLU B 417 18.84 -27.00 -9.17
C GLU B 417 18.93 -27.93 -10.37
N ALA B 418 17.90 -27.92 -11.22
CA ALA B 418 17.93 -28.75 -12.42
C ALA B 418 18.98 -28.28 -13.41
N ILE B 419 19.19 -26.96 -13.52
CA ILE B 419 20.18 -26.44 -14.45
C ILE B 419 21.59 -26.85 -14.02
N LEU B 420 21.92 -26.66 -12.74
CA LEU B 420 23.25 -27.04 -12.27
C LEU B 420 23.46 -28.55 -12.35
N GLU B 421 22.39 -29.33 -12.16
CA GLU B 421 22.51 -30.78 -12.31
C GLU B 421 22.80 -31.16 -13.76
N ALA B 422 22.21 -30.44 -14.72
CA ALA B 422 22.50 -30.70 -16.12
C ALA B 422 23.94 -30.36 -16.48
N LEU B 423 24.56 -29.43 -15.75
CA LEU B 423 25.93 -29.00 -15.99
C LEU B 423 26.95 -29.79 -15.18
N GLY B 424 26.54 -30.85 -14.50
CA GLY B 424 27.44 -31.62 -13.67
C GLY B 424 27.59 -31.11 -12.26
N GLY B 425 26.70 -30.24 -11.79
CA GLY B 425 26.73 -29.74 -10.43
C GLY B 425 27.44 -28.43 -10.21
N THR B 426 28.00 -27.82 -11.25
CA THR B 426 28.67 -26.53 -11.15
C THR B 426 28.29 -25.66 -12.33
N PRO B 427 28.35 -24.34 -12.19
CA PRO B 427 28.12 -23.43 -13.32
C PRO B 427 29.30 -23.28 -14.26
N LYS B 428 30.38 -24.03 -14.04
CA LYS B 428 31.59 -23.86 -14.85
C LYS B 428 31.35 -24.11 -16.34
N PRO B 429 30.68 -25.20 -16.76
CA PRO B 429 30.42 -25.34 -18.21
C PRO B 429 29.62 -24.19 -18.78
N LEU B 430 28.66 -23.66 -18.01
CA LEU B 430 27.88 -22.53 -18.48
C LEU B 430 28.76 -21.29 -18.63
N ILE B 431 29.63 -21.03 -17.65
CA ILE B 431 30.56 -19.92 -17.75
C ILE B 431 31.52 -20.12 -18.92
N ASP B 432 31.95 -21.37 -19.14
CA ASP B 432 32.88 -21.64 -20.24
C ASP B 432 32.24 -21.34 -21.59
N ALA B 433 30.97 -21.71 -21.77
CA ALA B 433 30.29 -21.43 -23.03
C ALA B 433 30.14 -19.92 -23.24
N VAL B 434 29.86 -19.17 -22.18
CA VAL B 434 29.74 -17.72 -22.32
C VAL B 434 31.09 -17.09 -22.62
N VAL B 435 32.16 -17.57 -21.97
CA VAL B 435 33.49 -17.06 -22.25
C VAL B 435 33.91 -17.43 -23.68
N ALA B 436 33.59 -18.65 -24.10
CA ALA B 436 33.91 -19.07 -25.46
C ALA B 436 33.10 -18.33 -26.51
N GLY B 437 31.96 -17.77 -26.14
CA GLY B 437 31.10 -17.11 -27.10
C GLY B 437 30.02 -17.98 -27.70
N GLN B 438 29.95 -19.25 -27.31
CA GLN B 438 28.85 -20.11 -27.77
C GLN B 438 27.51 -19.56 -27.31
N ILE B 439 27.41 -19.19 -26.04
CA ILE B 439 26.26 -18.49 -25.51
C ILE B 439 26.69 -17.05 -25.28
N ARG B 440 26.19 -16.14 -26.12
CA ARG B 440 26.61 -14.75 -26.04
C ARG B 440 25.99 -14.04 -24.85
N GLY B 441 24.83 -14.49 -24.40
CA GLY B 441 24.19 -13.90 -23.23
C GLY B 441 22.93 -14.66 -22.87
N PHE B 442 22.27 -14.18 -21.81
CA PHE B 442 21.01 -14.74 -21.37
C PHE B 442 19.99 -13.61 -21.23
N VAL B 443 18.76 -13.86 -21.67
CA VAL B 443 17.68 -12.89 -21.52
C VAL B 443 16.46 -13.60 -20.98
N GLY B 444 15.91 -13.07 -19.87
CA GLY B 444 14.66 -13.58 -19.34
C GLY B 444 13.46 -12.86 -19.91
N ILE B 445 12.59 -13.59 -20.60
CA ILE B 445 11.35 -13.02 -21.14
C ILE B 445 10.24 -13.40 -20.17
N VAL B 446 9.61 -12.39 -19.56
CA VAL B 446 8.77 -12.62 -18.40
C VAL B 446 7.39 -12.00 -18.60
N GLY B 447 7.06 -11.64 -19.84
CA GLY B 447 5.90 -10.84 -20.12
C GLY B 447 4.57 -11.55 -19.92
N CYS B 448 3.49 -10.77 -20.08
CA CYS B 448 2.14 -11.30 -20.05
C CYS B 448 1.53 -11.26 -21.44
N ASN B 449 0.23 -10.96 -21.50
CA ASN B 449 -0.46 -10.59 -22.72
C ASN B 449 -1.12 -9.24 -22.49
N ASN B 450 -1.33 -8.51 -23.57
CA ASN B 450 -1.99 -7.20 -23.48
C ASN B 450 -2.84 -7.02 -24.73
N PRO B 451 -4.14 -6.75 -24.56
CA PRO B 451 -5.03 -6.65 -25.74
C PRO B 451 -4.57 -5.62 -26.76
N LYS B 452 -3.75 -4.64 -26.37
CA LYS B 452 -3.21 -3.69 -27.31
C LYS B 452 -2.23 -4.32 -28.30
N ILE B 453 -1.70 -5.50 -27.98
CA ILE B 453 -0.71 -6.18 -28.79
C ILE B 453 -1.28 -7.52 -29.23
N ARG B 454 -1.14 -7.85 -30.52
CA ARG B 454 -1.53 -9.15 -31.03
C ARG B 454 -0.89 -10.25 -30.19
N GLN B 455 -1.74 -11.14 -29.68
CA GLN B 455 -1.33 -12.07 -28.63
C GLN B 455 -0.12 -12.90 -29.05
N ASP B 456 0.95 -12.78 -28.26
CA ASP B 456 2.19 -13.54 -28.38
C ASP B 456 2.96 -13.25 -29.68
N SER B 457 2.54 -12.27 -30.46
CA SER B 457 3.30 -11.90 -31.64
C SER B 457 4.68 -11.35 -31.26
N ALA B 458 4.72 -10.48 -30.24
CA ALA B 458 6.00 -9.94 -29.78
C ALA B 458 6.79 -10.97 -28.97
N ASN B 459 6.12 -11.75 -28.14
CA ASN B 459 6.81 -12.74 -27.33
C ASN B 459 7.51 -13.77 -28.20
N VAL B 460 6.81 -14.32 -29.19
CA VAL B 460 7.38 -15.38 -30.01
C VAL B 460 8.44 -14.83 -30.95
N THR B 461 8.20 -13.66 -31.54
CA THR B 461 9.21 -13.05 -32.40
C THR B 461 10.50 -12.78 -31.63
N LEU B 462 10.38 -12.12 -30.47
CA LEU B 462 11.56 -11.80 -29.67
C LEU B 462 12.28 -13.07 -29.24
N THR B 463 11.54 -14.11 -28.87
CA THR B 463 12.16 -15.37 -28.49
C THR B 463 12.92 -15.98 -29.67
N ARG B 464 12.32 -15.98 -30.86
CA ARG B 464 13.01 -16.47 -32.04
C ARG B 464 14.22 -15.61 -32.37
N GLU B 465 14.08 -14.29 -32.28
CA GLU B 465 15.18 -13.40 -32.63
C GLU B 465 16.37 -13.62 -31.72
N LEU B 466 16.14 -13.82 -30.41
CA LEU B 466 17.24 -13.88 -29.47
C LEU B 466 18.00 -15.20 -29.58
N ILE B 467 17.29 -16.33 -29.63
CA ILE B 467 17.99 -17.61 -29.71
C ILE B 467 18.71 -17.75 -31.05
N ARG B 468 18.22 -17.08 -32.10
CA ARG B 468 18.93 -17.05 -33.37
C ARG B 468 20.31 -16.43 -33.21
N ARG B 469 20.41 -15.40 -32.36
CA ARG B 469 21.67 -14.69 -32.13
C ARG B 469 22.50 -15.30 -31.01
N ASP B 470 22.27 -16.58 -30.70
CA ASP B 470 23.03 -17.31 -29.67
C ASP B 470 22.80 -16.73 -28.28
N ILE B 471 21.65 -16.11 -28.07
CA ILE B 471 21.27 -15.58 -26.76
C ILE B 471 20.22 -16.53 -26.18
N MET B 472 20.56 -17.21 -25.10
CA MET B 472 19.61 -18.13 -24.48
C MET B 472 18.49 -17.36 -23.78
N VAL B 473 17.28 -17.90 -23.85
CA VAL B 473 16.09 -17.25 -23.32
C VAL B 473 15.60 -18.04 -22.12
N LEU B 474 15.39 -17.35 -21.01
CA LEU B 474 14.80 -17.92 -19.80
C LEU B 474 13.35 -17.45 -19.74
N ALA B 475 12.40 -18.39 -19.72
CA ALA B 475 10.99 -18.07 -19.86
C ALA B 475 10.25 -18.30 -18.55
N THR B 476 9.46 -17.32 -18.14
CA THR B 476 8.56 -17.46 -17.00
C THR B 476 7.21 -16.88 -17.37
N GLY B 477 6.18 -17.30 -16.63
CA GLY B 477 4.86 -16.69 -16.76
C GLY B 477 4.17 -17.02 -18.08
N CYS B 478 3.55 -15.99 -18.68
CA CYS B 478 2.73 -16.19 -19.89
C CYS B 478 3.57 -16.62 -21.07
N VAL B 479 4.83 -16.19 -21.14
CA VAL B 479 5.70 -16.55 -22.25
C VAL B 479 5.86 -18.06 -22.36
N THR B 480 5.64 -18.79 -21.27
CA THR B 480 5.71 -20.24 -21.31
C THR B 480 4.76 -20.80 -22.36
N THR B 481 3.52 -20.32 -22.37
CA THR B 481 2.56 -20.76 -23.37
C THR B 481 2.96 -20.29 -24.76
N ALA B 482 3.45 -19.05 -24.89
CA ALA B 482 3.87 -18.54 -26.18
C ALA B 482 5.01 -19.36 -26.78
N ALA B 483 6.07 -19.57 -26.00
CA ALA B 483 7.21 -20.34 -26.50
C ALA B 483 6.82 -21.78 -26.80
N GLY B 484 5.97 -22.37 -25.95
CA GLY B 484 5.58 -23.75 -26.17
C GLY B 484 4.76 -23.94 -27.43
N LYS B 485 3.79 -23.05 -27.66
CA LYS B 485 2.94 -23.17 -28.84
C LYS B 485 3.73 -23.06 -30.13
N ALA B 486 4.78 -22.25 -30.15
CA ALA B 486 5.64 -22.13 -31.32
C ALA B 486 6.70 -23.23 -31.38
N GLY B 487 6.67 -24.18 -30.46
CA GLY B 487 7.58 -25.31 -30.51
C GLY B 487 9.00 -25.03 -30.11
N LEU B 488 9.23 -24.03 -29.26
CA LEU B 488 10.57 -23.65 -28.83
C LEU B 488 10.94 -24.19 -27.45
N LEU B 489 10.03 -24.89 -26.77
CA LEU B 489 10.30 -25.43 -25.43
C LEU B 489 10.69 -26.91 -25.46
N VAL B 490 11.25 -27.37 -26.57
CA VAL B 490 11.65 -28.77 -26.70
C VAL B 490 13.11 -28.82 -27.14
N PRO B 491 13.84 -29.89 -26.83
CA PRO B 491 15.25 -29.95 -27.24
C PRO B 491 15.44 -29.86 -28.74
N GLU B 492 14.48 -30.34 -29.53
CA GLU B 492 14.60 -30.28 -31.00
C GLU B 492 14.57 -28.86 -31.54
N ALA B 493 14.17 -27.88 -30.74
CA ALA B 493 14.14 -26.49 -31.19
C ALA B 493 15.53 -25.88 -31.25
N ALA B 494 16.57 -26.63 -30.91
CA ALA B 494 17.93 -26.15 -31.09
C ALA B 494 18.23 -25.82 -32.55
N SER B 495 17.50 -26.44 -33.49
CA SER B 495 17.69 -26.13 -34.91
C SER B 495 17.30 -24.70 -35.24
N LYS B 496 16.42 -24.09 -34.44
CA LYS B 496 15.99 -22.72 -34.67
C LYS B 496 16.85 -21.70 -33.93
N ALA B 497 17.85 -22.16 -33.18
CA ALA B 497 18.78 -21.26 -32.50
C ALA B 497 20.03 -21.05 -33.35
N GLY B 498 20.90 -20.15 -32.89
CA GLY B 498 22.16 -19.92 -33.56
C GLY B 498 23.09 -21.11 -33.43
N GLU B 499 24.22 -21.02 -34.15
CA GLU B 499 25.16 -22.14 -34.20
C GLU B 499 25.74 -22.44 -32.82
N GLY B 500 26.14 -21.41 -32.09
CA GLY B 500 26.77 -21.65 -30.79
C GLY B 500 25.78 -22.15 -29.76
N LEU B 501 24.59 -21.56 -29.70
CA LEU B 501 23.59 -21.97 -28.73
C LEU B 501 23.08 -23.38 -29.03
N ALA B 502 22.88 -23.70 -30.31
CA ALA B 502 22.43 -25.03 -30.67
C ALA B 502 23.41 -26.10 -30.23
N ALA B 503 24.71 -25.82 -30.34
CA ALA B 503 25.72 -26.79 -29.92
C ALA B 503 25.64 -27.08 -28.43
N VAL B 504 25.55 -26.03 -27.61
CA VAL B 504 25.46 -26.20 -26.16
C VAL B 504 24.18 -26.94 -25.79
N CYS B 505 23.07 -26.60 -26.44
CA CYS B 505 21.80 -27.25 -26.15
C CYS B 505 21.86 -28.74 -26.43
N ARG B 506 22.43 -29.11 -27.58
CA ARG B 506 22.54 -30.53 -27.93
C ARG B 506 23.49 -31.26 -26.99
N SER B 507 24.52 -30.58 -26.48
CA SER B 507 25.43 -31.21 -25.53
C SER B 507 24.72 -31.56 -24.23
N LEU B 508 23.79 -30.71 -23.80
CA LEU B 508 23.05 -30.91 -22.55
C LEU B 508 21.69 -31.55 -22.77
N GLY B 509 21.19 -31.60 -24.00
CA GLY B 509 19.86 -32.15 -24.23
C GLY B 509 18.74 -31.29 -23.69
N VAL B 510 18.82 -29.98 -23.87
CA VAL B 510 17.83 -29.04 -23.35
C VAL B 510 17.36 -28.14 -24.48
N PRO B 511 16.19 -27.53 -24.33
CA PRO B 511 15.73 -26.56 -25.35
C PRO B 511 16.59 -25.31 -25.31
N PRO B 512 16.56 -24.49 -26.38
CA PRO B 512 17.21 -23.18 -26.31
C PRO B 512 16.44 -22.18 -25.48
N VAL B 513 15.21 -22.52 -25.05
CA VAL B 513 14.40 -21.69 -24.17
C VAL B 513 14.09 -22.52 -22.94
N LEU B 514 14.57 -22.07 -21.78
CA LEU B 514 14.39 -22.81 -20.53
C LEU B 514 13.21 -22.21 -19.77
N HIS B 515 12.21 -23.05 -19.48
CA HIS B 515 11.06 -22.63 -18.70
C HIS B 515 11.41 -22.73 -17.21
N MET B 516 11.47 -21.59 -16.53
CA MET B 516 11.89 -21.56 -15.15
C MET B 516 10.76 -21.28 -14.17
N GLY B 517 9.51 -21.19 -14.63
CA GLY B 517 8.40 -21.18 -13.71
C GLY B 517 7.40 -20.05 -13.82
N SER B 518 6.83 -19.66 -12.69
CA SER B 518 5.77 -18.67 -12.61
C SER B 518 6.36 -17.26 -12.51
N CYS B 519 5.50 -16.28 -12.24
N CYS B 519 5.50 -16.27 -12.23
CA CYS B 519 5.98 -14.90 -12.11
CA CYS B 519 5.97 -14.90 -12.11
C CYS B 519 6.83 -14.73 -10.86
C CYS B 519 6.81 -14.71 -10.86
N VAL B 520 6.45 -15.38 -9.76
CA VAL B 520 7.28 -15.31 -8.56
C VAL B 520 8.60 -16.02 -8.77
N ASP B 521 8.64 -16.98 -9.70
CA ASP B 521 9.86 -17.71 -10.02
C ASP B 521 10.86 -16.88 -10.83
N ASN B 522 10.54 -15.63 -11.15
CA ASN B 522 11.57 -14.74 -11.66
C ASN B 522 12.65 -14.48 -10.61
N SER B 523 12.34 -14.77 -9.35
CA SER B 523 13.38 -14.79 -8.32
C SER B 523 14.45 -15.83 -8.63
N ARG B 524 14.09 -16.90 -9.36
CA ARG B 524 15.09 -17.88 -9.78
C ARG B 524 16.13 -17.23 -10.69
N ILE B 525 15.69 -16.30 -11.55
CA ILE B 525 16.63 -15.61 -12.43
C ILE B 525 17.57 -14.71 -11.61
N LEU B 526 17.03 -14.05 -10.58
CA LEU B 526 17.89 -13.29 -9.67
C LEU B 526 18.90 -14.21 -8.99
N GLN B 527 18.47 -15.39 -8.56
CA GLN B 527 19.39 -16.32 -7.92
C GLN B 527 20.48 -16.77 -8.89
N LEU B 528 20.10 -17.03 -10.14
CA LEU B 528 21.08 -17.48 -11.13
C LEU B 528 22.07 -16.37 -11.48
N CYS B 529 21.57 -15.16 -11.71
CA CYS B 529 22.45 -14.03 -12.00
C CYS B 529 23.41 -13.76 -10.84
N ALA B 530 22.88 -13.75 -9.61
CA ALA B 530 23.73 -13.50 -8.45
C ALA B 530 24.77 -14.59 -8.29
N LEU B 531 24.43 -15.82 -8.67
CA LEU B 531 25.39 -16.92 -8.58
C LEU B 531 26.53 -16.74 -9.58
N LEU B 532 26.21 -16.34 -10.81
CA LEU B 532 27.26 -16.13 -11.80
C LEU B 532 28.15 -14.95 -11.43
N ALA B 533 27.54 -13.84 -10.98
CA ALA B 533 28.34 -12.67 -10.61
C ALA B 533 29.23 -12.96 -9.41
N THR B 534 28.73 -13.76 -8.45
CA THR B 534 29.55 -14.13 -7.31
C THR B 534 30.71 -15.02 -7.73
N THR B 535 30.44 -16.01 -8.60
CA THR B 535 31.50 -16.88 -9.07
C THR B 535 32.57 -16.11 -9.83
N LEU B 536 32.16 -15.18 -10.69
CA LEU B 536 33.10 -14.40 -11.48
C LEU B 536 33.76 -13.26 -10.71
N GLY B 537 33.30 -12.95 -9.50
CA GLY B 537 33.87 -11.83 -8.77
C GLY B 537 33.49 -10.47 -9.32
N VAL B 538 32.33 -10.35 -9.96
CA VAL B 538 31.86 -9.11 -10.55
C VAL B 538 30.46 -8.80 -10.02
N ASP B 539 29.90 -7.71 -10.51
CA ASP B 539 28.53 -7.29 -10.19
C ASP B 539 27.54 -7.91 -11.18
N ILE B 540 26.28 -7.96 -10.77
CA ILE B 540 25.22 -8.41 -11.68
C ILE B 540 25.16 -7.50 -12.90
N SER B 541 25.47 -6.22 -12.73
CA SER B 541 25.52 -5.27 -13.83
C SER B 541 26.70 -5.50 -14.78
N ASP B 542 27.57 -6.49 -14.51
CA ASP B 542 28.64 -6.85 -15.42
C ASP B 542 28.33 -8.07 -16.26
N LEU B 543 27.25 -8.80 -15.94
CA LEU B 543 26.93 -10.05 -16.63
C LEU B 543 26.22 -9.79 -17.95
N PRO B 544 26.52 -10.57 -18.98
CA PRO B 544 25.78 -10.44 -20.24
C PRO B 544 24.36 -10.97 -20.11
N VAL B 545 23.50 -10.22 -19.42
CA VAL B 545 22.14 -10.64 -19.13
C VAL B 545 21.18 -9.53 -19.52
N GLY B 546 19.91 -9.91 -19.64
CA GLY B 546 18.86 -8.95 -19.95
C GLY B 546 17.52 -9.52 -19.54
N ALA B 547 16.53 -8.62 -19.49
CA ALA B 547 15.16 -9.01 -19.17
C ALA B 547 14.22 -8.24 -20.10
N SER B 548 13.10 -8.88 -20.43
CA SER B 548 12.16 -8.30 -21.37
C SER B 548 10.73 -8.67 -20.99
N SER B 549 9.82 -7.71 -21.16
CA SER B 549 8.39 -7.92 -20.97
C SER B 549 7.67 -7.28 -22.15
N PRO B 550 7.62 -7.98 -23.29
CA PRO B 550 7.10 -7.35 -24.52
C PRO B 550 5.61 -7.05 -24.48
N GLU B 551 4.84 -7.78 -23.68
CA GLU B 551 3.38 -7.68 -23.71
C GLU B 551 2.82 -7.62 -22.30
N TRP B 552 3.46 -6.84 -21.43
CA TRP B 552 3.05 -6.78 -20.03
C TRP B 552 1.81 -5.92 -19.87
N TYR B 553 1.12 -6.10 -18.74
CA TYR B 553 -0.03 -5.26 -18.40
C TYR B 553 -0.16 -4.95 -16.91
N SER B 554 0.30 -5.83 -16.01
CA SER B 554 -0.09 -5.76 -14.62
C SER B 554 0.92 -4.96 -13.78
N GLU B 555 0.52 -4.68 -12.54
CA GLU B 555 1.42 -4.08 -11.57
C GLU B 555 2.56 -5.02 -11.20
N LYS B 556 2.32 -6.33 -11.22
CA LYS B 556 3.38 -7.28 -10.89
C LYS B 556 4.49 -7.28 -11.93
N ALA B 557 4.15 -7.10 -13.21
CA ALA B 557 5.17 -7.03 -14.24
C ALA B 557 6.05 -5.79 -14.06
N ALA B 558 5.44 -4.66 -13.68
CA ALA B 558 6.24 -3.46 -13.44
C ALA B 558 7.15 -3.64 -12.24
N ALA B 559 6.66 -4.31 -11.19
CA ALA B 559 7.51 -4.58 -10.03
C ALA B 559 8.66 -5.51 -10.39
N ILE B 560 8.40 -6.52 -11.22
CA ILE B 560 9.47 -7.42 -11.66
C ILE B 560 10.48 -6.68 -12.51
N ALA B 561 10.01 -5.86 -13.45
CA ALA B 561 10.92 -5.07 -14.27
C ALA B 561 11.74 -4.11 -13.41
N MET B 562 11.15 -3.58 -12.34
CA MET B 562 11.85 -2.59 -11.51
C MET B 562 12.95 -3.25 -10.68
N TYR B 563 12.69 -4.42 -10.10
CA TYR B 563 13.75 -5.05 -9.32
C TYR B 563 14.80 -5.73 -10.20
N ALA B 564 14.48 -5.99 -11.46
CA ALA B 564 15.52 -6.41 -12.40
C ALA B 564 16.46 -5.26 -12.71
N VAL B 565 15.90 -4.09 -13.03
CA VAL B 565 16.71 -2.89 -13.27
C VAL B 565 17.52 -2.53 -12.03
N ALA B 566 16.86 -2.51 -10.86
CA ALA B 566 17.55 -2.15 -9.63
C ALA B 566 18.62 -3.16 -9.23
N SER B 567 18.60 -4.36 -9.80
CA SER B 567 19.64 -5.35 -9.56
C SER B 567 20.74 -5.35 -10.62
N GLY B 568 20.63 -4.49 -11.63
CA GLY B 568 21.63 -4.41 -12.66
C GLY B 568 21.33 -5.16 -13.94
N ILE B 569 20.08 -5.49 -14.22
CA ILE B 569 19.68 -6.25 -15.39
C ILE B 569 18.96 -5.31 -16.35
N PRO B 570 19.49 -5.03 -17.53
CA PRO B 570 18.79 -4.15 -18.48
C PRO B 570 17.47 -4.75 -18.90
N THR B 571 16.39 -4.01 -18.70
CA THR B 571 15.04 -4.53 -18.84
C THR B 571 14.32 -3.81 -19.96
N HIS B 572 13.83 -4.56 -20.93
CA HIS B 572 13.03 -4.01 -22.02
C HIS B 572 11.55 -4.21 -21.73
N LEU B 573 10.76 -3.17 -22.02
CA LEU B 573 9.32 -3.20 -21.89
C LEU B 573 8.70 -2.96 -23.26
N GLY B 574 7.69 -3.75 -23.62
CA GLY B 574 7.02 -3.54 -24.89
C GLY B 574 6.24 -2.24 -24.91
N LEU B 575 5.52 -1.94 -23.83
CA LEU B 575 4.74 -0.72 -23.70
C LEU B 575 5.26 0.12 -22.54
N PRO B 576 5.13 1.44 -22.61
CA PRO B 576 5.63 2.29 -21.53
C PRO B 576 4.67 2.29 -20.35
N PRO B 577 5.18 2.44 -19.14
CA PRO B 577 4.30 2.66 -17.99
C PRO B 577 3.67 4.05 -18.06
N ASN B 578 2.64 4.25 -17.25
CA ASN B 578 1.93 5.53 -17.25
C ASN B 578 2.81 6.62 -16.66
N ILE B 579 3.91 6.94 -17.33
CA ILE B 579 4.86 7.93 -16.82
C ILE B 579 5.29 8.94 -17.87
N LEU B 580 4.78 8.85 -19.10
CA LEU B 580 5.25 9.74 -20.16
C LEU B 580 4.85 11.19 -19.94
N GLY B 581 3.94 11.46 -18.99
CA GLY B 581 3.57 12.82 -18.67
C GLY B 581 4.68 13.62 -18.02
N SER B 582 5.73 12.98 -17.56
CA SER B 582 6.88 13.65 -16.96
C SER B 582 8.13 13.29 -17.76
N GLU B 583 8.80 14.31 -18.31
CA GLU B 583 10.04 14.07 -19.02
C GLU B 583 11.16 13.67 -18.06
N ASN B 584 11.16 14.26 -16.85
CA ASN B 584 12.19 13.94 -15.86
C ASN B 584 12.06 12.50 -15.36
N VAL B 585 10.85 12.09 -15.00
CA VAL B 585 10.64 10.71 -14.57
C VAL B 585 10.97 9.75 -15.69
N THR B 586 10.59 10.09 -16.93
CA THR B 586 10.88 9.23 -18.07
C THR B 586 12.37 9.13 -18.32
N ALA B 587 13.09 10.27 -18.29
CA ALA B 587 14.53 10.24 -18.49
C ALA B 587 15.22 9.43 -17.41
N MET B 588 14.76 9.56 -16.16
CA MET B 588 15.33 8.79 -15.07
C MET B 588 15.17 7.30 -15.30
N ALA B 589 13.98 6.86 -15.76
CA ALA B 589 13.74 5.44 -15.98
C ALA B 589 14.56 4.91 -17.16
N LEU B 590 14.72 5.70 -18.21
CA LEU B 590 15.39 5.23 -19.42
C LEU B 590 16.90 5.44 -19.40
N HIS B 591 17.40 6.45 -18.67
CA HIS B 591 18.80 6.79 -18.74
C HIS B 591 19.41 7.02 -17.35
N GLY B 592 18.74 7.83 -16.53
CA GLY B 592 19.33 8.22 -15.26
C GLY B 592 19.65 7.04 -14.37
N LEU B 593 18.81 6.00 -14.39
CA LEU B 593 19.04 4.85 -13.54
C LEU B 593 20.32 4.10 -13.92
N GLN B 594 20.74 4.21 -15.18
CA GLN B 594 21.98 3.55 -15.59
C GLN B 594 23.17 4.06 -14.79
N ASP B 595 23.19 5.35 -14.49
CA ASP B 595 24.28 5.92 -13.70
C ASP B 595 24.21 5.52 -12.24
N VAL B 596 23.05 5.09 -11.76
CA VAL B 596 22.83 4.84 -10.34
C VAL B 596 22.92 3.36 -10.00
N VAL B 597 22.15 2.52 -10.70
CA VAL B 597 22.11 1.09 -10.41
C VAL B 597 22.79 0.24 -11.48
N GLY B 598 23.21 0.83 -12.59
CA GLY B 598 23.91 0.09 -13.61
C GLY B 598 23.04 -0.53 -14.69
N ALA B 599 21.74 -0.24 -14.69
CA ALA B 599 20.83 -0.69 -15.73
C ALA B 599 19.73 0.34 -15.88
N ALA B 600 18.91 0.17 -16.92
CA ALA B 600 17.82 1.12 -17.15
C ALA B 600 16.69 0.40 -17.88
N PHE B 601 15.54 1.08 -17.95
CA PHE B 601 14.40 0.59 -18.71
C PHE B 601 14.58 0.86 -20.19
N MET B 602 13.99 -0.01 -21.01
CA MET B 602 13.93 0.17 -22.46
C MET B 602 12.49 -0.05 -22.91
N VAL B 603 11.93 0.92 -23.63
CA VAL B 603 10.57 0.86 -24.11
C VAL B 603 10.62 0.76 -25.63
N GLU B 604 10.27 -0.41 -26.17
CA GLU B 604 10.35 -0.62 -27.62
C GLU B 604 9.25 -1.58 -28.08
N PRO B 605 8.30 -1.09 -28.88
CA PRO B 605 7.21 -1.98 -29.34
C PRO B 605 7.60 -2.89 -30.48
N ASP B 606 8.70 -2.63 -31.18
CA ASP B 606 9.14 -3.50 -32.26
C ASP B 606 9.95 -4.65 -31.68
N PRO B 607 9.49 -5.90 -31.80
CA PRO B 607 10.25 -7.01 -31.22
C PRO B 607 11.62 -7.20 -31.83
N VAL B 608 11.80 -6.86 -33.10
CA VAL B 608 13.11 -7.01 -33.72
C VAL B 608 14.06 -5.93 -33.23
N LYS B 609 13.57 -4.69 -33.11
CA LYS B 609 14.38 -3.63 -32.52
C LYS B 609 14.68 -3.91 -31.06
N ALA B 610 13.76 -4.57 -30.34
CA ALA B 610 14.01 -4.92 -28.96
C ALA B 610 15.13 -5.96 -28.85
N ALA B 611 15.16 -6.92 -29.77
CA ALA B 611 16.28 -7.85 -29.84
C ALA B 611 17.59 -7.14 -30.13
N ASP B 612 17.54 -6.06 -30.93
CA ASP B 612 18.74 -5.28 -31.20
C ASP B 612 19.26 -4.60 -29.94
N MET B 613 18.36 -4.06 -29.12
CA MET B 613 18.77 -3.34 -27.93
C MET B 613 19.34 -4.27 -26.88
N LEU B 614 18.64 -5.37 -26.59
CA LEU B 614 19.14 -6.34 -25.61
C LEU B 614 20.48 -6.93 -26.05
N GLU B 615 20.64 -7.19 -27.34
CA GLU B 615 21.91 -7.69 -27.86
C GLU B 615 23.02 -6.66 -27.74
N ALA B 616 22.69 -5.38 -27.89
CA ALA B 616 23.70 -4.34 -27.78
C ALA B 616 24.26 -4.26 -26.35
N HIS B 617 23.37 -4.28 -25.35
CA HIS B 617 23.84 -4.24 -23.96
C HIS B 617 24.63 -5.49 -23.61
N ILE B 618 24.19 -6.65 -24.11
CA ILE B 618 24.93 -7.89 -23.88
C ILE B 618 26.33 -7.79 -24.48
N VAL B 619 26.43 -7.21 -25.67
CA VAL B 619 27.73 -7.04 -26.30
C VAL B 619 28.59 -6.08 -25.50
N ALA B 620 28.00 -4.96 -25.05
CA ALA B 620 28.77 -3.99 -24.28
C ALA B 620 29.33 -4.61 -23.01
N ARG B 621 28.55 -5.50 -22.38
CA ARG B 621 29.00 -6.12 -21.13
C ARG B 621 30.00 -7.24 -21.40
N ARG B 622 29.89 -7.92 -22.54
CA ARG B 622 30.93 -8.86 -22.93
C ARG B 622 32.27 -8.15 -23.12
N ALA B 623 32.24 -6.94 -23.69
CA ALA B 623 33.46 -6.17 -23.86
C ALA B 623 34.08 -5.81 -22.52
N ARG B 624 33.26 -5.36 -21.56
CA ARG B 624 33.80 -4.98 -20.26
C ARG B 624 34.30 -6.18 -19.48
N LEU B 625 33.81 -7.38 -19.78
CA LEU B 625 34.40 -8.59 -19.21
C LEU B 625 35.66 -9.03 -19.94
N GLY B 626 36.06 -8.32 -20.99
CA GLY B 626 37.21 -8.71 -21.78
C GLY B 626 37.00 -9.97 -22.60
N LEU B 627 35.81 -10.12 -23.18
CA LEU B 627 35.47 -11.28 -23.97
C LEU B 627 35.19 -10.88 -25.41
N THR B 628 35.21 -11.87 -26.30
CA THR B 628 34.84 -11.63 -27.68
C THR B 628 33.33 -11.37 -27.78
N SER B 629 32.98 -10.27 -28.44
CA SER B 629 31.58 -9.87 -28.56
C SER B 629 30.87 -10.63 -29.68
FE1 SF4 C . -8.63 -1.49 -13.67
FE2 SF4 C . -9.12 -1.64 -16.36
FE3 SF4 C . -9.38 -3.87 -14.80
FE4 SF4 C . -6.89 -2.84 -15.32
S1 SF4 C . -8.35 -3.72 -16.83
S2 SF4 C . -7.69 -3.54 -13.29
S3 SF4 C . -7.35 -0.61 -15.34
S4 SF4 C . -10.62 -1.98 -14.67
NI CUV D . -2.24 15.27 10.75
S1 CUV D . -6.60 17.47 10.74
S2 CUV D . -4.53 18.52 7.58
S3 CUV D . -3.71 19.41 11.64
S4 CUV D . -5.11 14.66 8.03
FE1 CUV D . -3.33 16.40 7.66
FE2 CUV D . -2.77 17.52 10.24
FE3 CUV D . -6.16 16.78 8.39
FE4 CUV D . -5.25 19.26 9.81
FE1 SF4 E . -2.88 14.99 -5.60
FE2 SF4 E . -4.23 17.34 -6.04
FE3 SF4 E . -2.03 17.30 -4.41
FE4 SF4 E . -4.36 16.11 -3.59
S1 SF4 E . -4.02 18.33 -4.00
S2 SF4 E . -2.25 15.25 -3.42
S3 SF4 E . -5.14 15.30 -5.57
S4 SF4 E . -2.07 16.86 -6.64
NI CUV F . 1.58 -14.36 -12.19
S1 CUV F . 3.26 -13.33 -16.82
S2 CUV F . -0.57 -12.39 -16.34
S3 CUV F . 1.13 -16.37 -16.16
S4 CUV F . 1.75 -10.73 -13.89
FE1 CUV F . -0.34 -11.98 -13.97
FE2 CUV F . 0.27 -15.00 -14.35
FE3 CUV F . 1.76 -11.53 -16.18
FE4 CUV F . 0.95 -14.10 -17.17
#